data_6WC3
#
_entry.id   6WC3
#
_cell.length_a   133.275
_cell.length_b   133.275
_cell.length_c   288.470
_cell.angle_alpha   90.000
_cell.angle_beta   90.000
_cell.angle_gamma   120.000
#
_symmetry.space_group_name_H-M   'P 62 2 2'
#
loop_
_entity.id
_entity.type
_entity.pdbx_description
1 polymer 'Protein transport protein TIP20'
2 polymer 'Protein transport protein SEC20'
#
loop_
_entity_poly.entity_id
_entity_poly.type
_entity_poly.pdbx_seq_one_letter_code
_entity_poly.pdbx_strand_id
1 'polypeptide(L)'
;GSREREAGERRAQNACTLAAVTEKLGRAAELDYCDLEALHAELEPLARSADAAPQVEQFNELLTERARVPRRDLEHELLE
RRCDTELFVSTDDSVHELREKAGLLFQLSQLLLPEPRADQLWNFVCMANNFRIKFIYHFTSPSAESEQQSIENYFKFLDK
YLSENLYKYMDIFEDESKGITRTLIHKQFINHILEPVREKVNVTMTKIAASNSASDVKMLVLLISEIFITDNALKKSHYY
DGVGLVSLIDEAALEVWQNFEVESAVSQFEKLTTPGASLMSPKNGADFGKLLENMYRYLEPFFSIDYRNLFSVKYQLVDE
IFIQLPLKYRSFLLSKNILQNELTAEQQFENTCVKLHSLLLISNILVRFSHDFTFIEMTQQINKITDSDYEYIFDEVWES
YDEAVIVLRDSIVHRWVKGLSSSLRNYFKYNEWDSIATAPEQCSAELVGALAWMKKMTDIFDKYWYPQHIIAQIKVALLE
NIIKFMLNYVVKLNKFSENGLRQLTFDYEALRATLGLPLEHSSVAEELALFEYFNILSMKYTNNKITSKFLDAEYVSSHH
TRNFRELRESLQVSHLTSDEIADALYRTL
;
A
2 'polypeptide(L)'
;MGSMPYATQLALLQDELLDMLEPRDGEGLRTADIIDKTLRFRELLGCYRLQVEKSTRQLELPRQVRTAAALRGAHAPASQ
APALAQLLLWERFLADYRRRLDAAIVHEHEATAARQLQARPTAARAPRAPMTAKDRLLA
;
B
#
# COMPACT_ATOMS: atom_id res chain seq x y z
N ALA A 7 -25.62 -29.03 -46.51
CA ALA A 7 -24.99 -27.74 -46.21
C ALA A 7 -25.07 -26.82 -47.41
N GLY A 8 -25.06 -27.40 -48.61
CA GLY A 8 -25.15 -26.59 -49.81
C GLY A 8 -26.52 -26.04 -50.10
N GLU A 9 -27.53 -26.51 -49.34
CA GLU A 9 -28.89 -26.02 -49.48
C GLU A 9 -29.06 -24.64 -48.86
N ARG A 10 -28.06 -24.17 -48.10
CA ARG A 10 -28.08 -22.86 -47.46
C ARG A 10 -27.05 -21.92 -48.08
N ARG A 11 -26.70 -22.15 -49.35
CA ARG A 11 -25.81 -21.24 -50.07
C ARG A 11 -26.48 -20.79 -51.36
N ALA A 12 -27.06 -21.73 -52.10
CA ALA A 12 -27.84 -21.37 -53.29
C ALA A 12 -29.15 -20.70 -52.91
N GLN A 13 -29.57 -20.85 -51.66
CA GLN A 13 -30.74 -20.21 -51.08
C GLN A 13 -30.36 -18.92 -50.38
N ASN A 14 -29.15 -18.87 -49.86
CA ASN A 14 -28.61 -17.70 -49.18
C ASN A 14 -28.24 -16.63 -50.20
N ALA A 15 -27.55 -17.04 -51.27
CA ALA A 15 -27.16 -16.07 -52.28
C ALA A 15 -28.34 -15.63 -53.14
N CYS A 16 -29.55 -16.13 -52.86
CA CYS A 16 -30.74 -15.70 -53.60
C CYS A 16 -31.27 -14.42 -52.95
N THR A 17 -31.39 -14.43 -51.64
CA THR A 17 -31.79 -13.20 -50.97
C THR A 17 -30.63 -12.23 -51.08
N LEU A 18 -29.42 -12.79 -51.21
CA LEU A 18 -28.23 -11.98 -51.26
C LEU A 18 -28.07 -11.33 -52.62
N ALA A 19 -28.73 -11.87 -53.65
CA ALA A 19 -28.69 -11.33 -54.98
C ALA A 19 -29.92 -10.50 -55.28
N ALA A 20 -30.89 -10.52 -54.36
CA ALA A 20 -32.04 -9.64 -54.45
C ALA A 20 -31.76 -8.35 -53.70
N VAL A 21 -30.90 -8.43 -52.69
CA VAL A 21 -30.42 -7.23 -52.02
C VAL A 21 -29.67 -6.34 -53.02
N THR A 22 -28.80 -6.91 -53.85
CA THR A 22 -28.05 -6.11 -54.81
C THR A 22 -28.94 -5.51 -55.89
N GLU A 23 -30.11 -6.10 -56.11
CA GLU A 23 -31.00 -5.55 -57.12
C GLU A 23 -31.77 -4.39 -56.52
N LYS A 24 -32.11 -4.49 -55.25
CA LYS A 24 -32.80 -3.37 -54.62
C LYS A 24 -31.80 -2.23 -54.37
N LEU A 25 -30.54 -2.57 -54.12
CA LEU A 25 -29.48 -1.57 -53.97
C LEU A 25 -29.23 -0.85 -55.28
N GLY A 26 -29.42 -1.53 -56.42
CA GLY A 26 -29.25 -0.93 -57.72
C GLY A 26 -30.27 0.12 -58.06
N ARG A 27 -31.15 0.40 -57.10
CA ARG A 27 -32.18 1.42 -57.20
C ARG A 27 -32.00 2.34 -56.00
N ALA A 28 -30.92 3.12 -56.02
CA ALA A 28 -30.60 3.99 -54.89
C ALA A 28 -31.70 5.01 -54.65
N ALA A 29 -32.19 5.63 -55.72
CA ALA A 29 -33.28 6.59 -55.60
C ALA A 29 -34.60 5.82 -55.48
N GLU A 30 -35.63 6.53 -55.01
CA GLU A 30 -36.93 5.91 -54.75
C GLU A 30 -36.76 4.78 -53.74
N LEU A 31 -35.97 5.06 -52.71
CA LEU A 31 -35.71 4.14 -51.61
C LEU A 31 -35.69 5.00 -50.37
N ASP A 32 -36.73 4.93 -49.53
CA ASP A 32 -36.73 5.78 -48.35
C ASP A 32 -36.03 5.07 -47.19
N TYR A 33 -35.88 5.79 -46.07
CA TYR A 33 -35.22 5.22 -44.90
C TYR A 33 -35.84 3.89 -44.49
N CYS A 34 -37.15 3.74 -44.67
CA CYS A 34 -37.83 2.49 -44.33
C CYS A 34 -37.21 1.34 -45.11
N ASP A 35 -36.92 1.58 -46.38
CA ASP A 35 -36.30 0.56 -47.21
C ASP A 35 -34.91 0.23 -46.69
N LEU A 36 -34.20 1.25 -46.19
CA LEU A 36 -32.86 0.99 -45.67
C LEU A 36 -32.96 0.08 -44.46
N GLU A 37 -34.02 0.25 -43.66
CA GLU A 37 -34.22 -0.64 -42.52
C GLU A 37 -34.54 -2.05 -42.99
N ALA A 38 -35.40 -2.18 -44.01
CA ALA A 38 -35.74 -3.49 -44.53
C ALA A 38 -34.50 -4.22 -45.05
N LEU A 39 -33.61 -3.47 -45.70
CA LEU A 39 -32.36 -4.06 -46.19
C LEU A 39 -31.47 -4.43 -45.02
N HIS A 40 -31.39 -3.58 -43.99
CA HIS A 40 -30.59 -3.95 -42.83
C HIS A 40 -31.11 -5.25 -42.23
N ALA A 41 -32.44 -5.40 -42.20
CA ALA A 41 -33.07 -6.61 -41.68
C ALA A 41 -32.64 -7.84 -42.47
N GLU A 42 -32.54 -7.70 -43.79
CA GLU A 42 -32.18 -8.89 -44.58
C GLU A 42 -30.69 -9.16 -44.56
N LEU A 43 -29.86 -8.13 -44.68
CA LEU A 43 -28.42 -8.28 -44.86
C LEU A 43 -27.71 -8.59 -43.54
N GLU A 44 -28.18 -8.03 -42.41
CA GLU A 44 -27.63 -8.17 -41.07
C GLU A 44 -27.17 -9.61 -40.79
N PRO A 45 -28.06 -10.62 -40.82
CA PRO A 45 -27.61 -11.99 -40.55
C PRO A 45 -26.42 -12.38 -41.41
N LEU A 46 -26.55 -12.23 -42.73
CA LEU A 46 -25.50 -12.59 -43.68
C LEU A 46 -24.25 -11.72 -43.60
N ALA A 47 -24.13 -10.78 -42.67
CA ALA A 47 -22.87 -10.04 -42.59
C ALA A 47 -21.76 -10.92 -42.02
N ARG A 48 -20.51 -10.55 -42.34
CA ARG A 48 -19.32 -11.28 -41.92
C ARG A 48 -19.20 -12.66 -42.54
N SER A 49 -20.27 -13.12 -43.20
CA SER A 49 -20.24 -14.40 -43.91
C SER A 49 -19.07 -14.46 -44.88
N ALA A 50 -18.78 -13.36 -45.55
CA ALA A 50 -17.74 -13.10 -46.54
C ALA A 50 -18.22 -13.56 -47.91
N ASP A 51 -19.44 -14.07 -47.99
CA ASP A 51 -20.10 -14.37 -49.24
C ASP A 51 -20.95 -13.17 -49.61
N ALA A 52 -21.45 -12.50 -48.56
CA ALA A 52 -22.24 -11.29 -48.66
C ALA A 52 -21.39 -10.05 -48.43
N ALA A 53 -20.06 -10.18 -48.47
CA ALA A 53 -19.22 -9.00 -48.25
C ALA A 53 -19.44 -7.94 -49.32
N PRO A 54 -19.57 -8.29 -50.61
CA PRO A 54 -19.85 -7.24 -51.60
C PRO A 54 -21.12 -6.49 -51.32
N GLN A 55 -22.16 -7.24 -50.92
CA GLN A 55 -23.43 -6.63 -50.61
C GLN A 55 -23.28 -5.66 -49.45
N VAL A 56 -22.47 -6.06 -48.44
CA VAL A 56 -22.21 -5.16 -47.31
C VAL A 56 -21.56 -3.89 -47.82
N GLU A 57 -20.43 -4.04 -48.51
CA GLU A 57 -19.66 -2.89 -48.99
C GLU A 57 -20.55 -1.90 -49.72
N GLN A 58 -21.48 -2.42 -50.54
CA GLN A 58 -22.40 -1.54 -51.26
C GLN A 58 -23.36 -0.85 -50.32
N PHE A 59 -23.98 -1.62 -49.41
CA PHE A 59 -24.96 -1.05 -48.49
C PHE A 59 -24.35 0.05 -47.63
N ASN A 60 -23.13 -0.20 -47.11
CA ASN A 60 -22.42 0.81 -46.34
C ASN A 60 -22.09 2.04 -47.17
N GLU A 61 -21.61 1.87 -48.40
CA GLU A 61 -21.29 3.06 -49.18
C GLU A 61 -22.55 3.77 -49.68
N LEU A 62 -23.70 3.10 -49.60
CA LEU A 62 -24.96 3.77 -49.87
C LEU A 62 -25.35 4.60 -48.67
N LEU A 63 -25.23 4.04 -47.47
CA LEU A 63 -25.50 4.81 -46.26
C LEU A 63 -24.63 6.06 -46.26
N THR A 64 -23.34 5.90 -46.58
CA THR A 64 -22.41 7.03 -46.62
C THR A 64 -22.86 8.09 -47.62
N GLU A 65 -23.30 7.67 -48.82
CA GLU A 65 -23.78 8.67 -49.77
C GLU A 65 -25.09 9.29 -49.30
N ARG A 66 -25.93 8.53 -48.60
CA ARG A 66 -27.17 9.07 -48.04
C ARG A 66 -26.90 10.02 -46.88
N ALA A 67 -25.68 10.02 -46.37
CA ALA A 67 -25.30 10.83 -45.22
C ALA A 67 -24.40 12.00 -45.61
N ARG A 68 -23.92 12.01 -46.86
CA ARG A 68 -22.99 13.05 -47.30
C ARG A 68 -23.62 14.45 -47.29
N VAL A 69 -24.87 14.57 -47.71
CA VAL A 69 -25.53 15.88 -47.77
C VAL A 69 -25.86 16.43 -46.39
N PRO A 70 -26.46 15.66 -45.47
CA PRO A 70 -26.72 16.23 -44.14
C PRO A 70 -25.44 16.48 -43.37
N ARG A 71 -24.31 15.91 -43.79
CA ARG A 71 -23.05 16.23 -43.15
C ARG A 71 -22.60 17.62 -43.55
N ARG A 72 -22.68 17.92 -44.86
CA ARG A 72 -22.23 19.23 -45.32
C ARG A 72 -23.13 20.29 -44.72
N ASP A 73 -24.42 19.97 -44.57
CA ASP A 73 -25.36 20.94 -44.04
C ASP A 73 -25.14 21.16 -42.55
N LEU A 74 -25.07 20.09 -41.76
CA LEU A 74 -24.85 20.24 -40.33
C LEU A 74 -23.52 20.93 -40.03
N GLU A 75 -22.47 20.62 -40.79
CA GLU A 75 -21.17 21.24 -40.54
C GLU A 75 -21.17 22.71 -40.94
N HIS A 76 -21.86 23.04 -42.04
CA HIS A 76 -21.98 24.42 -42.44
C HIS A 76 -22.79 25.21 -41.43
N GLU A 77 -23.94 24.67 -41.01
CA GLU A 77 -24.79 25.37 -40.07
C GLU A 77 -24.07 25.59 -38.73
N LEU A 78 -23.35 24.57 -38.26
CA LEU A 78 -22.60 24.69 -37.00
C LEU A 78 -21.52 25.75 -37.12
N LEU A 79 -20.85 25.84 -38.27
CA LEU A 79 -19.77 26.82 -38.42
C LEU A 79 -20.28 28.22 -38.73
N GLU A 80 -21.37 28.34 -39.47
CA GLU A 80 -21.91 29.62 -39.91
C GLU A 80 -22.81 30.28 -38.88
N ARG A 81 -23.23 29.53 -37.85
CA ARG A 81 -23.98 30.09 -36.75
C ARG A 81 -23.11 30.27 -35.52
N ARG A 82 -21.84 29.86 -35.61
CA ARG A 82 -20.86 29.92 -34.54
C ARG A 82 -21.42 29.33 -33.24
N CYS A 83 -21.86 28.07 -33.34
CA CYS A 83 -22.57 27.45 -32.23
C CYS A 83 -21.69 27.23 -31.00
N ASP A 84 -20.36 27.25 -31.16
CA ASP A 84 -19.45 26.98 -30.04
C ASP A 84 -18.83 28.26 -29.50
N THR A 85 -19.44 29.41 -29.76
CA THR A 85 -18.99 30.69 -29.24
C THR A 85 -20.14 31.37 -28.50
N GLU A 86 -19.87 32.58 -27.99
CA GLU A 86 -20.85 33.30 -27.19
C GLU A 86 -21.91 33.94 -28.06
N LEU A 87 -21.74 33.89 -29.38
CA LEU A 87 -22.66 34.50 -30.34
C LEU A 87 -23.88 33.63 -30.58
N PHE A 88 -23.89 32.41 -30.04
CA PHE A 88 -24.97 31.46 -30.24
C PHE A 88 -25.54 31.05 -28.88
N VAL A 89 -26.87 30.99 -28.82
CA VAL A 89 -27.56 30.46 -27.66
C VAL A 89 -28.47 29.33 -28.14
N SER A 90 -28.72 28.36 -27.28
CA SER A 90 -29.52 27.20 -27.64
C SER A 90 -30.99 27.51 -27.39
N THR A 91 -31.79 27.55 -28.45
CA THR A 91 -33.21 27.81 -28.33
C THR A 91 -33.98 26.95 -29.33
N ASP A 92 -35.26 26.75 -29.02
CA ASP A 92 -36.17 25.92 -29.81
C ASP A 92 -36.09 26.22 -31.30
N ASP A 93 -35.68 27.42 -31.69
CA ASP A 93 -35.61 27.87 -33.08
C ASP A 93 -34.23 27.68 -33.70
N SER A 94 -33.17 28.09 -33.00
CA SER A 94 -31.83 28.12 -33.59
C SER A 94 -31.16 26.76 -33.55
N VAL A 95 -31.81 25.78 -32.91
CA VAL A 95 -31.25 24.46 -32.70
C VAL A 95 -32.04 23.40 -33.44
N HIS A 96 -33.32 23.67 -33.73
CA HIS A 96 -34.25 22.78 -34.42
C HIS A 96 -33.69 22.03 -35.63
N GLU A 97 -33.12 22.75 -36.61
CA GLU A 97 -32.63 22.09 -37.82
C GLU A 97 -31.33 21.32 -37.57
N LEU A 98 -30.49 21.81 -36.67
CA LEU A 98 -29.27 21.09 -36.30
C LEU A 98 -29.61 19.70 -35.82
N ARG A 99 -30.61 19.59 -34.94
CA ARG A 99 -30.95 18.31 -34.34
C ARG A 99 -31.52 17.36 -35.38
N GLU A 100 -32.20 17.89 -36.40
CA GLU A 100 -32.71 17.03 -37.47
C GLU A 100 -31.57 16.42 -38.26
N LYS A 101 -30.67 17.28 -38.77
CA LYS A 101 -29.53 16.80 -39.53
C LYS A 101 -28.68 15.80 -38.72
N ALA A 102 -28.45 16.09 -37.43
CA ALA A 102 -27.64 15.17 -36.64
C ALA A 102 -28.39 13.89 -36.29
N GLY A 103 -29.72 13.97 -36.12
CA GLY A 103 -30.48 12.78 -35.82
C GLY A 103 -30.43 11.82 -36.99
N LEU A 104 -30.64 12.36 -38.20
CA LEU A 104 -30.60 11.51 -39.37
C LEU A 104 -29.22 10.91 -39.55
N LEU A 105 -28.16 11.71 -39.31
CA LEU A 105 -26.81 11.16 -39.44
C LEU A 105 -26.59 10.01 -38.47
N PHE A 106 -27.10 10.13 -37.24
CA PHE A 106 -26.94 9.06 -36.26
C PHE A 106 -27.70 7.81 -36.71
N GLN A 107 -28.96 7.99 -37.15
CA GLN A 107 -29.76 6.86 -37.58
C GLN A 107 -29.08 6.14 -38.75
N LEU A 108 -28.43 6.89 -39.63
CA LEU A 108 -27.76 6.27 -40.76
C LEU A 108 -26.52 5.51 -40.30
N SER A 109 -25.77 6.08 -39.35
CA SER A 109 -24.56 5.42 -38.87
C SER A 109 -24.89 4.10 -38.19
N GLN A 110 -26.01 4.05 -37.46
CA GLN A 110 -26.37 2.82 -36.75
C GLN A 110 -26.78 1.68 -37.67
N LEU A 111 -27.01 1.94 -38.96
CA LEU A 111 -27.38 0.91 -39.92
C LEU A 111 -26.17 0.27 -40.60
N LEU A 112 -24.96 0.73 -40.30
CA LEU A 112 -23.76 0.18 -40.93
C LEU A 112 -23.54 -1.25 -40.46
N LEU A 113 -23.03 -2.08 -41.37
CA LEU A 113 -22.86 -3.50 -41.12
C LEU A 113 -21.38 -3.88 -41.13
N PRO A 114 -20.91 -4.63 -40.12
CA PRO A 114 -21.76 -5.18 -39.06
C PRO A 114 -22.05 -4.17 -37.95
N GLU A 115 -21.04 -3.42 -37.52
CA GLU A 115 -21.20 -2.29 -36.62
C GLU A 115 -20.43 -1.10 -37.17
N PRO A 116 -20.94 0.11 -36.95
CA PRO A 116 -20.23 1.29 -37.46
C PRO A 116 -18.86 1.46 -36.81
N ARG A 117 -17.89 1.88 -37.61
CA ARG A 117 -16.58 2.23 -37.08
C ARG A 117 -16.70 3.41 -36.13
N ALA A 118 -15.61 3.70 -35.42
CA ALA A 118 -15.59 4.82 -34.50
C ALA A 118 -15.74 6.14 -35.24
N ASP A 119 -15.11 6.25 -36.41
CA ASP A 119 -15.08 7.48 -37.19
C ASP A 119 -16.26 7.58 -38.15
N GLN A 120 -17.25 6.70 -38.03
CA GLN A 120 -18.41 6.71 -38.91
C GLN A 120 -19.66 7.23 -38.20
N LEU A 121 -19.55 7.59 -36.92
CA LEU A 121 -20.59 8.27 -36.17
C LEU A 121 -20.67 9.72 -36.68
N TRP A 122 -21.31 9.88 -37.83
CA TRP A 122 -21.20 11.12 -38.59
C TRP A 122 -21.69 12.34 -37.81
N ASN A 123 -22.75 12.18 -37.00
CA ASN A 123 -23.24 13.29 -36.21
C ASN A 123 -22.16 13.83 -35.27
N PHE A 124 -21.40 12.94 -34.65
CA PHE A 124 -20.36 13.40 -33.73
C PHE A 124 -19.18 13.98 -34.49
N VAL A 125 -18.88 13.43 -35.67
CA VAL A 125 -17.81 13.97 -36.50
C VAL A 125 -18.14 15.43 -36.84
N CYS A 126 -19.39 15.68 -37.20
CA CYS A 126 -19.79 17.05 -37.53
C CYS A 126 -19.70 17.93 -36.29
N MET A 127 -20.17 17.42 -35.15
CA MET A 127 -20.11 18.22 -33.93
C MET A 127 -18.67 18.64 -33.62
N ALA A 128 -17.70 17.79 -33.94
CA ALA A 128 -16.29 18.05 -33.64
C ALA A 128 -15.56 18.85 -34.72
N ASN A 129 -16.15 18.97 -35.92
CA ASN A 129 -15.50 19.66 -37.03
C ASN A 129 -15.01 21.07 -36.68
N ASN A 130 -15.84 21.87 -35.99
CA ASN A 130 -15.42 23.20 -35.57
C ASN A 130 -14.10 23.15 -34.79
N PHE A 131 -14.04 22.25 -33.80
CA PHE A 131 -12.84 22.13 -33.00
C PHE A 131 -11.66 21.72 -33.87
N ARG A 132 -11.90 20.80 -34.80
CA ARG A 132 -10.82 20.36 -35.69
C ARG A 132 -10.21 21.54 -36.42
N ILE A 133 -11.06 22.46 -36.90
CA ILE A 133 -10.54 23.59 -37.67
C ILE A 133 -9.78 24.56 -36.76
N LYS A 134 -10.33 24.83 -35.57
CA LYS A 134 -9.65 25.74 -34.64
C LYS A 134 -8.30 25.17 -34.22
N PHE A 135 -8.26 23.88 -33.94
CA PHE A 135 -7.05 23.21 -33.47
C PHE A 135 -5.98 23.21 -34.56
N ILE A 136 -6.33 22.75 -35.76
CA ILE A 136 -5.36 22.70 -36.84
C ILE A 136 -4.84 24.09 -37.18
N TYR A 137 -5.70 25.11 -37.12
CA TYR A 137 -5.23 26.47 -37.36
C TYR A 137 -4.19 26.89 -36.31
N HIS A 138 -4.53 26.75 -35.03
CA HIS A 138 -3.68 27.27 -33.97
C HIS A 138 -2.34 26.55 -33.83
N PHE A 139 -2.17 25.36 -34.41
CA PHE A 139 -0.94 24.57 -34.22
C PHE A 139 -0.35 24.10 -35.55
N THR A 140 0.11 25.07 -36.35
CA THR A 140 0.87 24.77 -37.56
C THR A 140 1.99 25.81 -37.77
N GLU A 147 5.69 17.21 -28.68
CA GLU A 147 6.47 16.84 -27.50
C GLU A 147 5.67 17.02 -26.21
N GLN A 148 6.37 16.97 -25.08
CA GLN A 148 5.71 17.02 -23.78
C GLN A 148 5.02 18.37 -23.57
N GLN A 149 5.69 19.45 -23.96
CA GLN A 149 5.11 20.78 -23.79
C GLN A 149 4.04 21.03 -24.84
N SER A 150 4.25 20.50 -26.04
CA SER A 150 3.22 20.60 -27.08
C SER A 150 1.96 19.85 -26.65
N ILE A 151 2.12 18.60 -26.22
CA ILE A 151 0.98 17.82 -25.74
C ILE A 151 0.27 18.53 -24.59
N GLU A 152 1.05 19.18 -23.71
CA GLU A 152 0.43 19.94 -22.61
C GLU A 152 -0.38 21.12 -23.15
N ASN A 153 0.17 21.85 -24.12
CA ASN A 153 -0.56 22.96 -24.72
C ASN A 153 -1.82 22.47 -25.45
N TYR A 154 -1.73 21.28 -26.06
CA TYR A 154 -2.90 20.69 -26.70
C TYR A 154 -3.97 20.40 -25.67
N PHE A 155 -3.54 19.97 -24.48
CA PHE A 155 -4.51 19.70 -23.42
C PHE A 155 -5.13 21.01 -22.93
N LYS A 156 -4.33 22.04 -22.76
CA LYS A 156 -4.85 23.34 -22.32
C LYS A 156 -5.92 23.85 -23.28
N PHE A 157 -5.61 23.85 -24.58
CA PHE A 157 -6.59 24.24 -25.61
C PHE A 157 -7.84 23.37 -25.55
N LEU A 158 -7.65 22.05 -25.56
CA LEU A 158 -8.74 21.09 -25.52
C LEU A 158 -9.61 21.31 -24.28
N ASP A 159 -8.98 21.48 -23.12
CA ASP A 159 -9.69 21.65 -21.86
C ASP A 159 -10.52 22.92 -21.88
N LYS A 160 -9.96 24.03 -22.35
CA LYS A 160 -10.72 25.28 -22.35
C LYS A 160 -11.97 25.15 -23.23
N TYR A 161 -11.77 24.64 -24.45
CA TYR A 161 -12.90 24.43 -25.35
C TYR A 161 -13.93 23.51 -24.72
N LEU A 162 -13.47 22.37 -24.18
CA LEU A 162 -14.39 21.41 -23.58
C LEU A 162 -15.17 22.06 -22.45
N SER A 163 -14.49 22.85 -21.62
CA SER A 163 -15.13 23.48 -20.47
C SER A 163 -16.32 24.31 -20.95
N GLU A 164 -16.06 25.22 -21.88
CA GLU A 164 -17.14 26.14 -22.24
C GLU A 164 -18.13 25.58 -23.28
N ASN A 165 -17.89 24.38 -23.84
CA ASN A 165 -18.78 23.87 -24.89
C ASN A 165 -19.39 22.49 -24.66
N LEU A 166 -18.83 21.63 -23.80
CA LEU A 166 -19.31 20.26 -23.65
C LEU A 166 -20.76 20.19 -23.19
N TYR A 167 -21.08 20.81 -22.05
CA TYR A 167 -22.43 20.67 -21.54
C TYR A 167 -23.42 21.45 -22.41
N LYS A 168 -22.92 22.46 -23.12
CA LYS A 168 -23.77 23.20 -24.05
C LYS A 168 -24.18 22.32 -25.21
N TYR A 169 -23.21 21.59 -25.78
CA TYR A 169 -23.53 20.73 -26.91
C TYR A 169 -24.37 19.55 -26.46
N MET A 170 -24.24 19.16 -25.19
CA MET A 170 -25.13 18.12 -24.66
C MET A 170 -26.55 18.65 -24.59
N ASP A 171 -26.71 19.91 -24.18
CA ASP A 171 -28.04 20.51 -24.12
C ASP A 171 -28.63 20.67 -25.52
N ILE A 172 -27.77 20.86 -26.52
CA ILE A 172 -28.22 21.10 -27.89
C ILE A 172 -28.64 19.81 -28.57
N PHE A 173 -27.83 18.76 -28.49
CA PHE A 173 -28.04 17.57 -29.30
C PHE A 173 -28.68 16.41 -28.54
N GLU A 174 -29.14 16.65 -27.31
CA GLU A 174 -29.93 15.65 -26.59
C GLU A 174 -31.12 15.20 -27.43
N ASP A 175 -31.28 13.88 -27.56
CA ASP A 175 -32.41 13.33 -28.31
C ASP A 175 -32.71 11.91 -27.86
N GLU A 176 -33.45 11.78 -26.75
CA GLU A 176 -33.78 10.48 -26.19
C GLU A 176 -34.61 9.63 -27.16
N SER A 177 -35.44 10.28 -27.98
CA SER A 177 -36.31 9.56 -28.90
C SER A 177 -35.54 8.79 -29.97
N LYS A 178 -34.38 9.32 -30.38
CA LYS A 178 -33.58 8.71 -31.43
C LYS A 178 -32.33 8.02 -30.88
N GLY A 179 -32.20 7.90 -29.56
CA GLY A 179 -31.10 7.18 -28.98
C GLY A 179 -29.91 8.03 -28.61
N ILE A 180 -29.93 9.31 -28.95
CA ILE A 180 -28.81 10.19 -28.64
C ILE A 180 -29.01 10.62 -27.19
N THR A 181 -28.34 9.93 -26.28
CA THR A 181 -28.41 10.18 -24.84
C THR A 181 -27.44 11.29 -24.46
N ARG A 182 -27.56 11.75 -23.22
CA ARG A 182 -26.62 12.74 -22.74
C ARG A 182 -25.29 12.09 -22.40
N THR A 183 -25.32 10.83 -21.93
CA THR A 183 -24.09 10.13 -21.60
C THR A 183 -23.28 9.86 -22.86
N LEU A 184 -23.99 9.57 -23.95
CA LEU A 184 -23.32 9.28 -25.22
C LEU A 184 -22.68 10.54 -25.77
N ILE A 185 -23.42 11.66 -25.73
CA ILE A 185 -22.86 12.89 -26.24
C ILE A 185 -21.63 13.27 -25.43
N HIS A 186 -21.68 13.04 -24.12
CA HIS A 186 -20.53 13.38 -23.29
C HIS A 186 -19.31 12.55 -23.67
N LYS A 187 -19.51 11.25 -23.92
CA LYS A 187 -18.37 10.40 -24.28
C LYS A 187 -17.83 10.74 -25.66
N GLN A 188 -18.72 10.78 -26.66
CA GLN A 188 -18.31 10.86 -28.05
C GLN A 188 -17.85 12.26 -28.45
N PHE A 189 -18.47 13.32 -27.92
CA PHE A 189 -18.04 14.66 -28.28
C PHE A 189 -16.59 14.87 -27.87
N ILE A 190 -16.21 14.35 -26.70
CA ILE A 190 -14.82 14.42 -26.25
C ILE A 190 -13.93 13.53 -27.12
N ASN A 191 -14.38 12.30 -27.40
CA ASN A 191 -13.58 11.39 -28.22
C ASN A 191 -13.26 11.98 -29.59
N HIS A 192 -14.28 12.55 -30.25
CA HIS A 192 -14.06 13.07 -31.59
C HIS A 192 -13.31 14.39 -31.54
N ILE A 193 -13.48 15.18 -30.48
CA ILE A 193 -12.65 16.37 -30.35
C ILE A 193 -11.19 15.95 -30.16
N LEU A 194 -10.97 14.79 -29.54
CA LEU A 194 -9.62 14.27 -29.30
C LEU A 194 -8.95 13.76 -30.56
N GLU A 195 -9.74 13.39 -31.57
CA GLU A 195 -9.13 12.76 -32.75
C GLU A 195 -8.08 13.62 -33.48
N PRO A 196 -8.28 14.92 -33.74
CA PRO A 196 -7.19 15.69 -34.38
C PRO A 196 -5.96 15.82 -33.50
N VAL A 197 -6.10 15.61 -32.19
CA VAL A 197 -4.95 15.70 -31.31
C VAL A 197 -4.19 14.40 -31.37
N ARG A 198 -4.93 13.29 -31.47
CA ARG A 198 -4.28 12.00 -31.67
C ARG A 198 -3.47 12.03 -32.96
N GLU A 199 -4.04 12.59 -34.03
CA GLU A 199 -3.35 12.54 -35.31
C GLU A 199 -2.09 13.42 -35.30
N LYS A 200 -2.21 14.59 -34.67
CA LYS A 200 -1.07 15.51 -34.61
C LYS A 200 0.04 14.91 -33.76
N VAL A 201 -0.31 14.39 -32.57
CA VAL A 201 0.69 13.81 -31.69
C VAL A 201 1.33 12.58 -32.35
N ASN A 202 0.50 11.67 -32.87
CA ASN A 202 1.01 10.42 -33.40
C ASN A 202 1.90 10.63 -34.63
N VAL A 203 1.92 11.84 -35.20
CA VAL A 203 2.89 12.07 -36.27
C VAL A 203 4.28 12.20 -35.66
N THR A 204 4.44 13.07 -34.67
CA THR A 204 5.75 13.26 -34.07
C THR A 204 6.16 12.01 -33.29
N MET A 205 5.17 11.20 -32.87
CA MET A 205 5.48 10.01 -32.11
C MET A 205 6.07 8.97 -33.04
N THR A 206 5.38 8.67 -34.14
CA THR A 206 5.94 7.68 -35.05
C THR A 206 7.22 8.21 -35.66
N LYS A 207 7.41 9.54 -35.66
CA LYS A 207 8.66 10.12 -36.14
C LYS A 207 9.81 9.83 -35.18
N ILE A 208 9.50 9.68 -33.89
CA ILE A 208 10.55 9.34 -32.93
C ILE A 208 10.70 7.83 -32.79
N ALA A 209 9.59 7.08 -32.78
CA ALA A 209 9.70 5.64 -32.63
C ALA A 209 10.46 4.96 -33.78
N ALA A 210 10.85 5.70 -34.82
CA ALA A 210 11.60 5.15 -35.95
C ALA A 210 13.08 5.48 -35.87
N SER A 211 13.59 5.65 -34.65
CA SER A 211 14.99 5.96 -34.43
C SER A 211 15.50 5.22 -33.20
N ASN A 212 16.78 4.84 -33.22
CA ASN A 212 17.40 4.13 -32.11
C ASN A 212 18.30 5.03 -31.24
N SER A 213 18.41 6.31 -31.57
CA SER A 213 19.26 7.23 -30.83
C SER A 213 18.73 7.43 -29.41
N ALA A 214 19.66 7.49 -28.44
CA ALA A 214 19.28 7.71 -27.04
C ALA A 214 18.42 8.95 -26.89
N SER A 215 18.87 10.08 -27.44
CA SER A 215 18.06 11.30 -27.39
C SER A 215 16.62 11.02 -27.82
N ASP A 216 16.46 10.30 -28.92
CA ASP A 216 15.16 9.81 -29.37
C ASP A 216 14.47 8.91 -28.35
N VAL A 217 15.14 7.85 -27.87
CA VAL A 217 14.45 6.91 -27.00
C VAL A 217 13.95 7.61 -25.74
N LYS A 218 14.71 8.57 -25.23
CA LYS A 218 14.25 9.35 -24.08
C LYS A 218 13.12 10.27 -24.48
N MET A 219 13.19 10.89 -25.66
CA MET A 219 12.12 11.79 -26.06
C MET A 219 10.82 11.03 -26.25
N LEU A 220 10.90 9.78 -26.71
CA LEU A 220 9.72 8.92 -26.82
C LEU A 220 9.19 8.58 -25.45
N VAL A 221 10.10 8.33 -24.49
CA VAL A 221 9.65 7.96 -23.15
C VAL A 221 8.87 9.13 -22.56
N LEU A 222 9.46 10.33 -22.63
CA LEU A 222 8.81 11.51 -22.07
C LEU A 222 7.47 11.76 -22.76
N LEU A 223 7.42 11.57 -24.08
CA LEU A 223 6.16 11.70 -24.83
C LEU A 223 5.09 10.80 -24.23
N ILE A 224 5.38 9.49 -24.14
CA ILE A 224 4.42 8.53 -23.60
C ILE A 224 3.98 8.91 -22.18
N SER A 225 4.95 9.29 -21.34
CA SER A 225 4.63 9.73 -19.98
C SER A 225 3.66 10.92 -19.99
N GLU A 226 3.88 11.86 -20.92
CA GLU A 226 3.02 13.02 -21.01
C GLU A 226 1.62 12.61 -21.45
N ILE A 227 1.54 11.62 -22.35
CA ILE A 227 0.24 11.09 -22.77
C ILE A 227 -0.52 10.56 -21.56
N PHE A 228 0.16 9.73 -20.75
CA PHE A 228 -0.46 9.22 -19.53
C PHE A 228 -0.95 10.35 -18.63
N ILE A 229 -0.13 11.40 -18.47
CA ILE A 229 -0.52 12.54 -17.63
C ILE A 229 -1.78 13.19 -18.17
N THR A 230 -1.80 13.51 -19.46
CA THR A 230 -2.94 14.25 -20.01
C THR A 230 -4.20 13.39 -19.99
N ASP A 231 -4.09 12.10 -20.30
CA ASP A 231 -5.24 11.21 -20.17
C ASP A 231 -5.81 11.26 -18.75
N ASN A 232 -4.91 11.30 -17.76
CA ASN A 232 -5.34 11.32 -16.37
C ASN A 232 -6.09 12.63 -16.07
N ALA A 233 -5.50 13.74 -16.50
CA ALA A 233 -6.11 15.03 -16.23
C ALA A 233 -7.45 15.14 -16.94
N LEU A 234 -7.56 14.53 -18.12
CA LEU A 234 -8.82 14.57 -18.86
C LEU A 234 -9.90 13.83 -18.09
N LYS A 235 -9.53 12.68 -17.51
CA LYS A 235 -10.51 11.91 -16.74
C LYS A 235 -10.95 12.69 -15.51
N LYS A 236 -10.06 13.49 -14.93
CA LYS A 236 -10.38 14.18 -13.69
C LYS A 236 -11.13 15.50 -13.91
N SER A 237 -10.69 16.31 -14.87
CA SER A 237 -11.23 17.65 -15.07
C SER A 237 -12.57 17.67 -15.80
N HIS A 238 -12.89 16.65 -16.60
CA HIS A 238 -14.14 16.63 -17.35
C HIS A 238 -14.87 15.31 -17.27
N TYR A 239 -14.48 14.43 -16.33
CA TYR A 239 -15.24 13.23 -16.00
C TYR A 239 -15.43 12.35 -17.24
N TYR A 240 -14.32 12.12 -17.95
CA TYR A 240 -14.33 11.43 -19.24
C TYR A 240 -13.89 9.99 -19.04
N ASP A 241 -14.81 9.05 -19.26
CA ASP A 241 -14.55 7.63 -19.06
C ASP A 241 -14.34 6.90 -20.38
N GLY A 242 -13.84 7.61 -21.40
CA GLY A 242 -13.50 7.02 -22.67
C GLY A 242 -12.01 6.96 -22.90
N VAL A 243 -11.63 6.64 -24.13
CA VAL A 243 -10.22 6.48 -24.47
C VAL A 243 -9.62 7.84 -24.76
N GLY A 244 -8.39 8.04 -24.29
CA GLY A 244 -7.66 9.29 -24.49
C GLY A 244 -6.68 9.13 -25.63
N LEU A 245 -5.42 9.52 -25.38
CA LEU A 245 -4.37 9.34 -26.37
C LEU A 245 -3.60 8.04 -26.15
N VAL A 246 -4.03 7.23 -25.19
CA VAL A 246 -3.38 5.95 -24.90
C VAL A 246 -3.51 5.01 -26.09
N SER A 247 -4.52 5.24 -26.94
CA SER A 247 -4.69 4.43 -28.15
C SER A 247 -3.47 4.52 -29.05
N LEU A 248 -2.73 5.62 -28.99
CA LEU A 248 -1.55 5.79 -29.83
C LEU A 248 -0.41 4.86 -29.42
N ILE A 249 -0.34 4.51 -28.13
CA ILE A 249 0.74 3.68 -27.62
C ILE A 249 0.59 2.25 -28.12
N ASP A 250 1.54 1.81 -28.95
CA ASP A 250 1.59 0.43 -29.42
C ASP A 250 2.48 -0.38 -28.47
N GLU A 251 2.30 -1.70 -28.51
CA GLU A 251 3.02 -2.57 -27.58
C GLU A 251 4.53 -2.39 -27.70
N ALA A 252 5.02 -2.01 -28.89
CA ALA A 252 6.44 -1.79 -29.04
C ALA A 252 6.89 -0.51 -28.36
N ALA A 253 5.99 0.47 -28.22
CA ALA A 253 6.38 1.72 -27.60
C ALA A 253 6.28 1.59 -26.09
N LEU A 254 5.32 0.79 -25.63
CA LEU A 254 5.22 0.52 -24.21
C LEU A 254 6.46 -0.20 -23.73
N GLU A 255 6.84 -1.30 -24.41
CA GLU A 255 8.04 -2.03 -23.98
C GLU A 255 9.22 -1.08 -23.77
N VAL A 256 9.35 -0.07 -24.62
CA VAL A 256 10.42 0.91 -24.47
C VAL A 256 10.23 1.72 -23.19
N TRP A 257 9.03 2.27 -23.00
CA TRP A 257 8.77 3.09 -21.80
C TRP A 257 8.94 2.28 -20.52
N GLN A 258 8.37 1.09 -20.48
CA GLN A 258 8.46 0.20 -19.33
C GLN A 258 9.90 -0.12 -18.98
N ASN A 259 10.71 -0.47 -19.98
CA ASN A 259 12.10 -0.80 -19.68
C ASN A 259 12.88 0.44 -19.24
N PHE A 260 12.58 1.60 -19.82
CA PHE A 260 13.27 2.81 -19.39
C PHE A 260 12.98 3.08 -17.91
N GLU A 261 11.74 2.84 -17.49
CA GLU A 261 11.35 3.14 -16.11
C GLU A 261 11.96 2.15 -15.13
N VAL A 262 11.94 0.86 -15.48
CA VAL A 262 12.55 -0.14 -14.62
C VAL A 262 14.06 0.08 -14.54
N GLU A 263 14.71 0.40 -15.67
CA GLU A 263 16.13 0.70 -15.64
C GLU A 263 16.44 1.90 -14.75
N SER A 264 15.67 2.98 -14.87
CA SER A 264 15.89 4.14 -14.00
C SER A 264 15.81 3.74 -12.53
N ALA A 265 14.82 2.89 -12.19
CA ALA A 265 14.62 2.54 -10.79
C ALA A 265 15.75 1.66 -10.30
N VAL A 266 16.17 0.68 -11.12
CA VAL A 266 17.24 -0.21 -10.70
C VAL A 266 18.56 0.55 -10.62
N SER A 267 18.80 1.46 -11.56
CA SER A 267 20.01 2.27 -11.52
C SER A 267 20.10 3.04 -10.20
N GLN A 268 19.01 3.68 -9.79
CA GLN A 268 19.03 4.37 -8.50
C GLN A 268 19.22 3.38 -7.35
N PHE A 269 18.56 2.23 -7.44
CA PHE A 269 18.63 1.22 -6.38
C PHE A 269 20.08 0.74 -6.17
N GLU A 270 20.77 0.43 -7.27
CA GLU A 270 22.12 -0.11 -7.22
C GLU A 270 23.12 0.89 -6.66
N LYS A 271 22.83 2.19 -6.72
CA LYS A 271 23.70 3.18 -6.12
C LYS A 271 23.49 3.28 -4.62
N LEU A 272 22.51 2.54 -4.08
CA LEU A 272 22.23 2.49 -2.66
C LEU A 272 22.69 1.19 -2.05
N THR A 273 22.79 0.13 -2.85
CA THR A 273 23.20 -1.19 -2.41
C THR A 273 24.69 -1.41 -2.64
N THR A 274 25.41 -0.36 -3.01
CA THR A 274 26.87 -0.42 -3.10
C THR A 274 27.47 -0.57 -1.72
N PRO A 275 28.14 -1.68 -1.43
CA PRO A 275 28.58 -1.97 -0.05
C PRO A 275 29.77 -1.16 0.42
N GLY A 276 29.53 -0.12 1.21
CA GLY A 276 30.62 0.54 1.87
C GLY A 276 31.01 -0.20 3.13
N ALA A 277 32.24 -0.01 3.59
CA ALA A 277 32.67 -0.73 4.77
C ALA A 277 32.34 0.02 6.05
N SER A 278 31.84 1.24 5.93
CA SER A 278 31.45 2.03 7.07
C SER A 278 30.17 1.50 7.70
N LEU A 279 29.98 1.79 8.98
CA LEU A 279 28.78 1.38 9.70
C LEU A 279 27.53 1.83 8.96
N MET A 280 26.54 0.93 8.86
CA MET A 280 25.29 1.22 8.16
C MET A 280 24.58 2.39 8.82
N SER A 281 23.94 3.23 8.01
CA SER A 281 23.26 4.40 8.52
C SER A 281 21.78 4.41 8.10
N PRO A 282 20.92 5.13 8.84
CA PRO A 282 19.49 5.17 8.51
C PRO A 282 19.20 5.80 7.15
N LYS A 283 19.95 6.85 6.81
CA LYS A 283 19.78 7.57 5.56
C LYS A 283 19.54 6.62 4.39
N ASN A 284 20.44 5.65 4.15
CA ASN A 284 20.26 4.69 3.06
C ASN A 284 18.85 4.07 3.04
N GLY A 285 18.33 3.73 4.22
CA GLY A 285 16.95 3.23 4.28
C GLY A 285 15.94 4.27 3.88
N ALA A 286 16.17 5.52 4.28
CA ALA A 286 15.21 6.56 3.96
C ALA A 286 15.29 6.92 2.48
N ASP A 287 16.49 6.86 1.91
CA ASP A 287 16.66 7.14 0.49
C ASP A 287 16.01 6.07 -0.37
N PHE A 288 16.15 4.79 0.00
CA PHE A 288 15.43 3.76 -0.74
C PHE A 288 13.93 3.96 -0.60
N GLY A 289 13.48 4.39 0.57
CA GLY A 289 12.06 4.69 0.75
C GLY A 289 11.60 5.80 -0.17
N LYS A 290 12.40 6.87 -0.26
CA LYS A 290 12.09 7.97 -1.15
C LYS A 290 12.09 7.50 -2.59
N LEU A 291 13.02 6.61 -2.94
CA LEU A 291 13.03 6.04 -4.28
C LEU A 291 11.70 5.38 -4.59
N LEU A 292 11.18 4.59 -3.65
CA LEU A 292 9.91 3.90 -3.87
C LEU A 292 8.77 4.88 -4.00
N GLU A 293 8.81 5.96 -3.22
CA GLU A 293 7.74 6.96 -3.29
C GLU A 293 7.80 7.75 -4.58
N ASN A 294 8.99 8.21 -4.97
CA ASN A 294 9.15 8.93 -6.22
C ASN A 294 8.72 8.06 -7.40
N MET A 295 9.11 6.79 -7.41
CA MET A 295 8.76 5.93 -8.52
C MET A 295 7.26 5.66 -8.54
N TYR A 296 6.60 5.78 -7.39
CA TYR A 296 5.17 5.57 -7.38
C TYR A 296 4.45 6.84 -7.81
N ARG A 297 5.05 8.00 -7.51
CA ARG A 297 4.47 9.26 -7.96
C ARG A 297 4.54 9.32 -9.48
N TYR A 298 5.66 8.87 -10.04
CA TYR A 298 5.83 8.88 -11.48
C TYR A 298 4.90 7.88 -12.16
N LEU A 299 4.71 6.70 -11.56
CA LEU A 299 3.90 5.66 -12.19
C LEU A 299 2.42 5.73 -11.83
N GLU A 300 2.01 6.65 -10.97
CA GLU A 300 0.60 6.79 -10.60
C GLU A 300 -0.34 6.97 -11.80
N PRO A 301 -0.11 7.92 -12.72
CA PRO A 301 -1.07 8.08 -13.82
C PRO A 301 -1.21 6.83 -14.66
N PHE A 302 -0.08 6.21 -15.02
CA PHE A 302 -0.14 4.99 -15.81
C PHE A 302 -0.94 3.91 -15.09
N PHE A 303 -0.73 3.78 -13.78
CA PHE A 303 -1.44 2.76 -13.00
C PHE A 303 -2.94 3.01 -13.03
N SER A 304 -3.34 4.28 -12.98
CA SER A 304 -4.76 4.61 -12.87
C SER A 304 -5.53 4.45 -14.19
N ILE A 305 -4.85 4.39 -15.33
CA ILE A 305 -5.50 4.30 -16.63
C ILE A 305 -6.05 2.89 -16.86
N ASP A 306 -7.31 2.81 -17.27
CA ASP A 306 -8.03 1.53 -17.41
C ASP A 306 -8.12 1.10 -18.88
N TYR A 307 -7.07 0.44 -19.35
CA TYR A 307 -7.00 -0.15 -20.68
C TYR A 307 -6.59 -1.59 -20.44
N ARG A 308 -7.33 -2.56 -20.98
CA ARG A 308 -6.97 -3.94 -20.64
C ARG A 308 -5.60 -4.33 -21.16
N ASN A 309 -5.23 -3.86 -22.35
CA ASN A 309 -3.96 -4.32 -22.89
C ASN A 309 -2.78 -3.64 -22.22
N LEU A 310 -3.06 -2.99 -21.10
CA LEU A 310 -2.06 -2.32 -20.29
C LEU A 310 -1.72 -3.12 -19.04
N PHE A 311 -2.69 -3.91 -18.54
CA PHE A 311 -2.44 -4.71 -17.33
C PHE A 311 -1.17 -5.53 -17.42
N SER A 312 -0.84 -6.03 -18.61
CA SER A 312 0.33 -6.88 -18.78
C SER A 312 1.60 -6.19 -18.31
N VAL A 313 1.67 -4.88 -18.46
CA VAL A 313 2.85 -4.12 -18.09
C VAL A 313 2.68 -3.56 -16.69
N LYS A 314 1.44 -3.26 -16.30
CA LYS A 314 1.24 -2.75 -14.94
C LYS A 314 1.70 -3.76 -13.91
N TYR A 315 1.41 -5.04 -14.14
CA TYR A 315 1.89 -6.07 -13.23
C TYR A 315 3.39 -6.15 -13.28
N GLN A 316 3.95 -5.99 -14.48
CA GLN A 316 5.40 -6.05 -14.63
C GLN A 316 6.03 -4.92 -13.83
N LEU A 317 5.42 -3.73 -13.87
CA LEU A 317 5.99 -2.63 -13.13
C LEU A 317 5.83 -2.83 -11.63
N VAL A 318 4.66 -3.32 -11.19
CA VAL A 318 4.44 -3.56 -9.77
C VAL A 318 5.48 -4.55 -9.23
N ASP A 319 5.63 -5.70 -9.90
CA ASP A 319 6.55 -6.73 -9.43
C ASP A 319 7.98 -6.22 -9.37
N GLU A 320 8.52 -5.80 -10.52
CA GLU A 320 9.93 -5.49 -10.63
C GLU A 320 10.38 -4.33 -9.74
N ILE A 321 9.47 -3.45 -9.34
CA ILE A 321 9.81 -2.27 -8.57
C ILE A 321 9.34 -2.39 -7.11
N PHE A 322 8.07 -2.67 -6.91
CA PHE A 322 7.48 -2.61 -5.56
C PHE A 322 7.41 -3.96 -4.87
N ILE A 323 8.00 -5.01 -5.46
CA ILE A 323 8.14 -6.29 -4.79
C ILE A 323 9.59 -6.74 -4.85
N GLN A 324 10.12 -6.83 -6.08
CA GLN A 324 11.49 -7.29 -6.27
C GLN A 324 12.50 -6.39 -5.57
N LEU A 325 12.45 -5.08 -5.82
CA LEU A 325 13.39 -4.18 -5.17
C LEU A 325 13.32 -4.22 -3.65
N PRO A 326 12.15 -4.21 -3.00
CA PRO A 326 12.16 -4.39 -1.53
C PRO A 326 12.75 -5.72 -1.07
N LEU A 327 12.49 -6.81 -1.79
CA LEU A 327 13.07 -8.09 -1.43
C LEU A 327 14.59 -8.06 -1.57
N LYS A 328 15.08 -7.51 -2.69
CA LYS A 328 16.52 -7.42 -2.89
C LYS A 328 17.13 -6.54 -1.83
N TYR A 329 16.41 -5.50 -1.41
CA TYR A 329 16.93 -4.58 -0.40
C TYR A 329 17.08 -5.31 0.92
N ARG A 330 16.12 -6.18 1.25
CA ARG A 330 16.25 -6.96 2.47
C ARG A 330 17.54 -7.76 2.42
N SER A 331 17.84 -8.37 1.26
CA SER A 331 19.09 -9.11 1.11
C SER A 331 20.29 -8.19 0.91
N PHE A 332 20.07 -6.89 0.73
CA PHE A 332 21.19 -5.95 0.70
C PHE A 332 21.78 -5.94 2.10
N LEU A 333 20.89 -5.89 3.08
CA LEU A 333 21.17 -6.04 4.48
C LEU A 333 21.29 -7.55 4.69
N LEU A 334 21.64 -7.99 5.89
CA LEU A 334 21.78 -9.43 6.16
C LEU A 334 22.83 -10.07 5.26
N SER A 335 23.83 -9.29 4.82
CA SER A 335 24.75 -9.76 3.79
C SER A 335 26.20 -9.68 4.23
N LYS A 336 26.90 -10.81 4.05
CA LYS A 336 28.30 -10.99 4.43
C LYS A 336 29.11 -9.79 3.96
N ASN A 337 29.59 -8.99 4.91
CA ASN A 337 30.47 -7.85 4.62
C ASN A 337 31.82 -8.09 5.28
N ILE A 338 32.75 -8.71 4.53
CA ILE A 338 34.08 -8.94 5.07
C ILE A 338 34.80 -7.62 5.27
N LEU A 339 34.27 -6.56 4.65
CA LEU A 339 34.74 -5.20 4.82
C LEU A 339 34.32 -4.64 6.18
N GLN A 340 33.49 -5.35 6.92
CA GLN A 340 32.98 -4.90 8.21
C GLN A 340 33.45 -5.81 9.34
N ASN A 341 34.67 -6.31 9.23
CA ASN A 341 35.26 -7.11 10.30
C ASN A 341 36.04 -6.25 11.29
N GLU A 342 36.25 -4.98 10.95
CA GLU A 342 37.00 -4.05 11.79
C GLU A 342 36.07 -3.30 12.74
N LEU A 343 34.80 -3.68 12.77
CA LEU A 343 33.80 -2.99 13.57
C LEU A 343 33.94 -3.33 15.05
N THR A 344 33.75 -2.32 15.89
CA THR A 344 33.63 -2.53 17.32
C THR A 344 32.41 -3.41 17.62
N ALA A 345 32.35 -3.90 18.85
CA ALA A 345 31.15 -4.62 19.27
C ALA A 345 29.95 -3.68 19.30
N GLU A 346 30.16 -2.47 19.81
CA GLU A 346 29.08 -1.50 19.88
C GLU A 346 28.74 -0.97 18.49
N GLN A 347 29.67 -1.09 17.55
CA GLN A 347 29.41 -0.68 16.18
C GLN A 347 28.58 -1.73 15.48
N GLN A 348 28.94 -3.01 15.64
CA GLN A 348 28.13 -4.07 15.05
C GLN A 348 26.72 -4.04 15.62
N PHE A 349 26.59 -3.68 16.91
CA PHE A 349 25.27 -3.59 17.52
C PHE A 349 24.46 -2.46 16.91
N GLU A 350 25.06 -1.28 16.77
CA GLU A 350 24.31 -0.19 16.16
C GLU A 350 23.98 -0.50 14.70
N ASN A 351 24.92 -1.12 13.98
CA ASN A 351 24.70 -1.49 12.59
C ASN A 351 23.46 -2.36 12.46
N THR A 352 23.29 -3.31 13.40
CA THR A 352 22.11 -4.17 13.35
C THR A 352 20.85 -3.38 13.66
N CYS A 353 20.93 -2.50 14.67
CA CYS A 353 19.79 -1.67 15.02
C CYS A 353 19.29 -0.91 13.79
N VAL A 354 20.22 -0.29 13.06
CA VAL A 354 19.90 0.47 11.86
C VAL A 354 19.26 -0.42 10.80
N LYS A 355 19.79 -1.64 10.61
CA LYS A 355 19.19 -2.56 9.65
C LYS A 355 17.72 -2.84 9.97
N LEU A 356 17.44 -3.22 11.22
CA LEU A 356 16.05 -3.49 11.62
C LEU A 356 15.15 -2.27 11.44
N HIS A 357 15.65 -1.08 11.82
CA HIS A 357 14.93 0.17 11.58
C HIS A 357 14.57 0.34 10.10
N SER A 358 15.58 0.36 9.23
CA SER A 358 15.36 0.54 7.80
C SER A 358 14.31 -0.44 7.26
N LEU A 359 14.51 -1.72 7.53
CA LEU A 359 13.57 -2.76 7.10
C LEU A 359 12.13 -2.44 7.51
N LEU A 360 11.91 -2.12 8.78
CA LEU A 360 10.54 -1.83 9.23
C LEU A 360 10.00 -0.53 8.64
N LEU A 361 10.89 0.38 8.24
CA LEU A 361 10.44 1.62 7.62
C LEU A 361 9.93 1.36 6.21
N ILE A 362 10.64 0.51 5.47
CA ILE A 362 10.15 0.19 4.14
C ILE A 362 8.86 -0.60 4.25
N SER A 363 8.73 -1.40 5.32
CA SER A 363 7.49 -2.16 5.51
C SER A 363 6.31 -1.21 5.62
N ASN A 364 6.42 -0.20 6.50
CA ASN A 364 5.29 0.71 6.65
C ASN A 364 5.04 1.52 5.39
N ILE A 365 6.09 1.87 4.64
CA ILE A 365 5.88 2.54 3.35
C ILE A 365 4.97 1.70 2.46
N LEU A 366 5.26 0.40 2.36
CA LEU A 366 4.43 -0.47 1.53
C LEU A 366 3.02 -0.58 2.11
N VAL A 367 2.89 -0.49 3.43
CA VAL A 367 1.56 -0.55 4.04
C VAL A 367 0.72 0.62 3.57
N ARG A 368 1.34 1.80 3.49
CA ARG A 368 0.62 2.98 3.02
C ARG A 368 0.27 2.86 1.54
N PHE A 369 1.23 2.44 0.72
CA PHE A 369 0.91 2.14 -0.68
C PHE A 369 -0.30 1.22 -0.82
N SER A 370 -0.46 0.27 0.12
CA SER A 370 -1.45 -0.78 -0.02
C SER A 370 -2.88 -0.29 0.18
N HIS A 371 -3.07 0.96 0.64
CA HIS A 371 -4.39 1.52 0.84
C HIS A 371 -4.69 2.70 -0.08
N ASP A 372 -3.74 3.13 -0.90
CA ASP A 372 -4.05 4.08 -1.97
C ASP A 372 -4.96 3.39 -2.99
N PHE A 373 -5.93 4.15 -3.51
CA PHE A 373 -6.98 3.60 -4.37
C PHE A 373 -6.46 2.88 -5.62
N THR A 374 -5.44 3.45 -6.28
CA THR A 374 -4.96 2.83 -7.51
C THR A 374 -4.40 1.44 -7.25
N PHE A 375 -3.80 1.24 -6.08
CA PHE A 375 -3.25 -0.07 -5.76
C PHE A 375 -4.37 -1.06 -5.49
N ILE A 376 -5.38 -0.65 -4.72
CA ILE A 376 -6.51 -1.54 -4.42
C ILE A 376 -7.11 -2.07 -5.72
N GLU A 377 -7.28 -1.16 -6.69
CA GLU A 377 -7.90 -1.55 -7.95
C GLU A 377 -6.99 -2.49 -8.73
N MET A 378 -5.74 -2.09 -8.97
CA MET A 378 -4.95 -3.00 -9.79
C MET A 378 -4.54 -4.25 -9.01
N THR A 379 -4.83 -4.31 -7.70
CA THR A 379 -4.66 -5.54 -6.95
C THR A 379 -5.81 -6.47 -7.26
N GLN A 380 -6.98 -5.91 -7.53
CA GLN A 380 -8.07 -6.80 -7.91
C GLN A 380 -7.89 -7.21 -9.36
N GLN A 381 -7.37 -6.32 -10.21
CA GLN A 381 -7.05 -6.70 -11.59
C GLN A 381 -6.08 -7.88 -11.61
N ILE A 382 -5.13 -7.91 -10.68
CA ILE A 382 -4.18 -9.02 -10.60
C ILE A 382 -4.87 -10.25 -10.02
N ASN A 383 -5.70 -10.08 -9.00
CA ASN A 383 -6.34 -11.23 -8.38
C ASN A 383 -7.33 -11.88 -9.33
N LYS A 384 -7.75 -11.16 -10.37
CA LYS A 384 -8.70 -11.66 -11.37
C LYS A 384 -7.98 -12.32 -12.53
N ILE A 385 -6.95 -11.66 -13.08
CA ILE A 385 -6.26 -12.22 -14.25
C ILE A 385 -5.40 -13.42 -13.86
N THR A 386 -4.54 -13.25 -12.85
CA THR A 386 -3.68 -14.36 -12.42
C THR A 386 -4.45 -15.41 -11.63
N ASP A 387 -5.71 -15.14 -11.27
CA ASP A 387 -6.53 -16.03 -10.45
C ASP A 387 -5.83 -16.33 -9.12
N SER A 388 -4.99 -15.41 -8.66
CA SER A 388 -4.26 -15.60 -7.41
C SER A 388 -4.97 -14.84 -6.30
N ASP A 389 -5.28 -15.54 -5.22
CA ASP A 389 -6.03 -14.96 -4.11
C ASP A 389 -5.10 -14.19 -3.17
N TYR A 390 -4.64 -13.04 -3.65
CA TYR A 390 -3.81 -12.17 -2.84
C TYR A 390 -4.67 -11.12 -2.15
N GLU A 391 -4.45 -10.93 -0.85
CA GLU A 391 -5.14 -9.86 -0.14
C GLU A 391 -4.59 -8.51 -0.58
N TYR A 392 -3.29 -8.32 -0.39
CA TYR A 392 -2.53 -7.21 -0.93
C TYR A 392 -1.39 -7.78 -1.77
N ILE A 393 -0.93 -7.02 -2.76
CA ILE A 393 0.19 -7.49 -3.56
C ILE A 393 1.44 -7.62 -2.71
N PHE A 394 1.50 -6.87 -1.61
CA PHE A 394 2.69 -6.80 -0.77
C PHE A 394 2.77 -7.94 0.23
N ASP A 395 1.77 -8.84 0.24
CA ASP A 395 1.79 -9.98 1.16
C ASP A 395 3.08 -10.78 1.03
N GLU A 396 3.59 -10.92 -0.20
CA GLU A 396 4.78 -11.72 -0.39
C GLU A 396 6.01 -11.00 0.13
N VAL A 397 5.99 -9.66 0.15
CA VAL A 397 7.11 -8.93 0.73
C VAL A 397 7.03 -8.93 2.24
N TRP A 398 5.86 -8.60 2.80
CA TRP A 398 5.67 -8.57 4.24
C TRP A 398 6.04 -9.91 4.87
N GLU A 399 5.51 -11.00 4.31
CA GLU A 399 5.75 -12.31 4.92
C GLU A 399 7.24 -12.67 4.81
N SER A 400 7.92 -12.16 3.79
CA SER A 400 9.35 -12.40 3.68
C SER A 400 10.13 -11.44 4.56
N TYR A 401 9.55 -10.29 4.87
CA TYR A 401 10.20 -9.33 5.76
C TYR A 401 10.05 -9.73 7.21
N ASP A 402 8.90 -10.34 7.55
CA ASP A 402 8.62 -10.70 8.94
C ASP A 402 9.62 -11.72 9.44
N GLU A 403 10.17 -12.52 8.52
CA GLU A 403 11.22 -13.46 8.87
C GLU A 403 12.50 -12.70 9.21
N ALA A 404 12.92 -11.81 8.32
CA ALA A 404 14.17 -11.09 8.53
C ALA A 404 14.09 -10.20 9.76
N VAL A 405 12.90 -9.77 10.15
CA VAL A 405 12.80 -8.93 11.33
C VAL A 405 13.14 -9.73 12.58
N ILE A 406 12.65 -10.98 12.65
CA ILE A 406 12.98 -11.86 13.78
C ILE A 406 14.48 -12.11 13.84
N VAL A 407 15.07 -12.53 12.72
CA VAL A 407 16.51 -12.75 12.67
C VAL A 407 17.26 -11.53 13.19
N LEU A 408 16.82 -10.33 12.78
CA LEU A 408 17.49 -9.13 13.26
C LEU A 408 17.24 -8.89 14.73
N ARG A 409 15.99 -9.00 15.17
CA ARG A 409 15.68 -8.78 16.57
C ARG A 409 16.48 -9.73 17.45
N ASP A 410 16.50 -11.02 17.10
CA ASP A 410 17.26 -11.96 17.89
C ASP A 410 18.73 -11.58 17.91
N SER A 411 19.24 -11.12 16.76
CA SER A 411 20.65 -10.73 16.69
C SER A 411 20.92 -9.57 17.63
N ILE A 412 19.98 -8.64 17.74
CA ILE A 412 20.22 -7.51 18.61
C ILE A 412 20.31 -7.96 20.06
N VAL A 413 19.34 -8.78 20.49
CA VAL A 413 19.34 -9.27 21.87
C VAL A 413 20.58 -10.08 22.17
N HIS A 414 20.92 -11.01 21.29
CA HIS A 414 22.10 -11.82 21.53
C HIS A 414 23.34 -10.95 21.61
N ARG A 415 23.50 -10.03 20.64
CA ARG A 415 24.71 -9.22 20.68
C ARG A 415 24.71 -8.31 21.89
N TRP A 416 23.54 -7.86 22.32
CA TRP A 416 23.48 -7.03 23.50
C TRP A 416 23.82 -7.85 24.74
N VAL A 417 23.26 -9.06 24.86
CA VAL A 417 23.46 -9.86 26.07
C VAL A 417 24.90 -10.32 26.16
N LYS A 418 25.47 -10.74 25.05
CA LYS A 418 26.88 -11.08 25.00
C LYS A 418 27.72 -9.96 25.58
N GLY A 419 27.40 -8.71 25.25
CA GLY A 419 28.15 -7.60 25.81
C GLY A 419 27.91 -7.39 27.30
N LEU A 420 26.69 -7.67 27.77
CA LEU A 420 26.43 -7.45 29.19
C LEU A 420 27.17 -8.49 30.02
N SER A 421 27.18 -9.73 29.54
CA SER A 421 27.91 -10.79 30.21
C SER A 421 29.38 -10.39 30.35
N SER A 422 29.87 -9.60 29.39
CA SER A 422 31.26 -9.18 29.40
C SER A 422 31.50 -8.10 30.45
N SER A 423 30.62 -7.08 30.50
CA SER A 423 30.88 -5.95 31.38
C SER A 423 30.58 -6.24 32.84
N LEU A 424 29.84 -7.30 33.14
CA LEU A 424 29.56 -7.68 34.52
C LEU A 424 30.64 -8.55 35.14
N ARG A 425 31.72 -8.84 34.41
CA ARG A 425 32.76 -9.74 34.92
C ARG A 425 33.36 -9.21 36.22
N ASN A 426 33.64 -7.90 36.27
CA ASN A 426 34.14 -7.30 37.50
C ASN A 426 33.12 -7.46 38.61
N TYR A 427 31.87 -7.05 38.36
CA TYR A 427 30.81 -7.18 39.34
C TYR A 427 30.60 -8.64 39.72
N PHE A 428 30.91 -9.55 38.81
CA PHE A 428 30.78 -10.98 39.10
C PHE A 428 31.89 -11.46 40.05
N LYS A 429 33.07 -10.86 39.97
CA LYS A 429 34.19 -11.29 40.81
C LYS A 429 33.98 -10.95 42.28
N TYR A 430 33.20 -9.90 42.57
CA TYR A 430 32.97 -9.48 43.96
C TYR A 430 32.22 -10.57 44.71
N ASN A 431 32.75 -10.97 45.88
CA ASN A 431 32.14 -12.03 46.68
C ASN A 431 31.85 -11.67 48.12
N GLU A 432 32.06 -10.42 48.53
CA GLU A 432 31.80 -10.02 49.91
C GLU A 432 30.35 -9.59 50.12
N TRP A 433 29.40 -10.51 49.88
CA TRP A 433 28.02 -10.12 50.06
C TRP A 433 27.52 -10.50 51.44
N ASP A 434 28.36 -11.16 52.24
CA ASP A 434 27.94 -11.59 53.56
C ASP A 434 28.39 -10.64 54.66
N SER A 435 29.33 -9.75 54.35
CA SER A 435 29.89 -8.76 55.30
C SER A 435 29.67 -7.35 54.75
N ILE A 436 28.47 -6.82 54.92
CA ILE A 436 28.11 -5.49 54.43
C ILE A 436 28.18 -4.46 55.55
N ALA A 437 28.98 -3.41 55.33
CA ALA A 437 29.18 -2.37 56.33
C ALA A 437 27.91 -1.60 56.66
N THR A 438 27.13 -1.19 55.65
CA THR A 438 25.94 -0.38 55.95
C THR A 438 24.91 -0.52 54.84
N ALA A 439 23.88 0.34 54.89
CA ALA A 439 22.78 0.38 53.94
C ALA A 439 23.21 1.03 52.64
N PRO A 440 22.56 0.71 51.52
CA PRO A 440 23.01 1.23 50.23
C PRO A 440 22.65 2.70 50.05
N GLU A 441 23.61 3.48 49.58
CA GLU A 441 23.39 4.87 49.23
C GLU A 441 23.68 5.15 47.76
N GLN A 442 24.58 4.38 47.15
CA GLN A 442 24.84 4.43 45.72
C GLN A 442 24.98 2.99 45.23
N CYS A 443 25.40 2.83 43.98
CA CYS A 443 25.52 1.52 43.38
C CYS A 443 26.91 0.94 43.61
N SER A 444 26.98 -0.39 43.66
CA SER A 444 28.22 -1.12 43.89
C SER A 444 29.33 -0.63 42.98
N ALA A 445 30.49 -0.37 43.55
CA ALA A 445 31.57 0.30 42.84
C ALA A 445 32.04 -0.47 41.62
N GLU A 446 31.82 -1.79 41.59
CA GLU A 446 32.25 -2.59 40.46
C GLU A 446 31.19 -2.66 39.36
N LEU A 447 29.96 -2.24 39.67
CA LEU A 447 28.85 -2.23 38.74
C LEU A 447 28.76 -0.93 37.97
N VAL A 448 29.51 0.10 38.38
CA VAL A 448 29.42 1.42 37.76
C VAL A 448 29.79 1.35 36.29
N GLY A 449 30.81 0.56 35.96
CA GLY A 449 31.21 0.43 34.57
C GLY A 449 30.12 -0.18 33.73
N ALA A 450 29.50 -1.24 34.24
CA ALA A 450 28.45 -1.92 33.48
C ALA A 450 27.24 -1.03 33.32
N LEU A 451 26.78 -0.42 34.42
CA LEU A 451 25.65 0.51 34.34
C LEU A 451 25.87 1.58 33.27
N ALA A 452 27.07 2.18 33.27
CA ALA A 452 27.42 3.15 32.23
C ALA A 452 27.32 2.55 30.83
N TRP A 453 27.93 1.38 30.64
CA TRP A 453 27.88 0.71 29.33
C TRP A 453 26.43 0.46 28.91
N MET A 454 25.61 -0.04 29.84
CA MET A 454 24.24 -0.41 29.53
C MET A 454 23.42 0.81 29.16
N LYS A 455 23.77 1.97 29.72
CA LYS A 455 23.11 3.21 29.33
C LYS A 455 23.55 3.63 27.94
N LYS A 456 24.86 3.56 27.66
CA LYS A 456 25.35 3.81 26.31
C LYS A 456 24.65 2.92 25.30
N MET A 457 24.26 1.72 25.72
CA MET A 457 23.69 0.74 24.80
C MET A 457 22.24 1.06 24.54
N THR A 458 21.46 1.29 25.59
CA THR A 458 20.06 1.64 25.36
C THR A 458 19.96 2.96 24.59
N ASP A 459 20.87 3.92 24.84
CA ASP A 459 20.86 5.16 24.08
C ASP A 459 21.13 4.94 22.59
N ILE A 460 22.09 4.06 22.28
CA ILE A 460 22.35 3.71 20.88
C ILE A 460 21.12 3.07 20.25
N PHE A 461 20.50 2.13 20.97
CA PHE A 461 19.30 1.49 20.44
C PHE A 461 18.18 2.51 20.24
N ASP A 462 18.05 3.45 21.17
CA ASP A 462 16.96 4.42 21.16
C ASP A 462 17.12 5.46 20.08
N LYS A 463 18.33 5.61 19.52
CA LYS A 463 18.54 6.54 18.41
C LYS A 463 17.50 6.40 17.30
N TYR A 464 17.03 5.18 17.05
CA TYR A 464 16.24 4.87 15.86
C TYR A 464 14.82 4.49 16.20
N TRP A 465 13.95 4.55 15.19
CA TRP A 465 12.54 4.23 15.35
C TRP A 465 12.29 2.76 15.07
N TYR A 466 11.52 2.12 15.94
CA TYR A 466 10.95 0.80 15.73
C TYR A 466 9.51 0.82 16.18
N PRO A 467 8.67 -0.07 15.63
CA PRO A 467 7.32 -0.26 16.17
C PRO A 467 7.35 -0.54 17.67
N GLN A 468 6.34 -0.02 18.37
CA GLN A 468 6.30 -0.03 19.83
C GLN A 468 6.45 -1.45 20.38
N HIS A 469 5.74 -2.42 19.78
CA HIS A 469 5.79 -3.77 20.29
C HIS A 469 7.15 -4.41 20.09
N ILE A 470 7.88 -4.01 19.04
CA ILE A 470 9.19 -4.63 18.83
C ILE A 470 10.20 -4.06 19.83
N ILE A 471 10.00 -2.79 20.21
CA ILE A 471 10.80 -2.20 21.28
C ILE A 471 10.57 -2.98 22.56
N ALA A 472 9.29 -3.15 22.91
CA ALA A 472 8.95 -3.87 24.14
C ALA A 472 9.56 -5.26 24.14
N GLN A 473 9.43 -5.97 23.00
CA GLN A 473 9.99 -7.32 22.85
C GLN A 473 11.48 -7.36 23.22
N ILE A 474 12.28 -6.52 22.53
CA ILE A 474 13.72 -6.51 22.76
C ILE A 474 14.06 -6.12 24.20
N LYS A 475 13.41 -5.07 24.73
CA LYS A 475 13.78 -4.61 26.06
C LYS A 475 13.34 -5.57 27.16
N VAL A 476 12.19 -6.23 26.99
CA VAL A 476 11.78 -7.24 27.96
C VAL A 476 12.74 -8.41 27.93
N ALA A 477 13.11 -8.87 26.72
CA ALA A 477 14.08 -9.95 26.60
C ALA A 477 15.35 -9.62 27.38
N LEU A 478 15.76 -8.36 27.37
CA LEU A 478 16.94 -8.01 28.17
C LEU A 478 16.65 -7.89 29.65
N LEU A 479 15.44 -7.48 30.04
CA LEU A 479 15.16 -7.45 31.47
C LEU A 479 15.28 -8.86 32.01
N GLU A 480 14.76 -9.83 31.25
CA GLU A 480 14.83 -11.23 31.66
C GLU A 480 16.28 -11.71 31.72
N ASN A 481 17.10 -11.33 30.73
CA ASN A 481 18.51 -11.72 30.78
C ASN A 481 19.23 -11.07 31.96
N ILE A 482 18.82 -9.86 32.36
CA ILE A 482 19.39 -9.23 33.55
C ILE A 482 19.04 -10.04 34.78
N ILE A 483 17.78 -10.47 34.87
CA ILE A 483 17.34 -11.25 36.02
C ILE A 483 18.15 -12.54 36.10
N LYS A 484 18.24 -13.26 34.97
CA LYS A 484 19.02 -14.50 34.95
C LYS A 484 20.48 -14.28 35.37
N PHE A 485 21.09 -13.19 34.90
CA PHE A 485 22.46 -12.89 35.32
C PHE A 485 22.56 -12.68 36.82
N MET A 486 21.69 -11.84 37.38
CA MET A 486 21.75 -11.56 38.81
C MET A 486 21.48 -12.81 39.64
N LEU A 487 20.54 -13.63 39.21
CA LEU A 487 20.17 -14.82 39.98
C LEU A 487 21.24 -15.90 39.92
N ASN A 488 21.68 -16.27 38.72
CA ASN A 488 22.57 -17.42 38.60
C ASN A 488 24.03 -17.06 38.89
N TYR A 489 24.49 -15.89 38.44
CA TYR A 489 25.90 -15.57 38.63
C TYR A 489 26.20 -14.92 39.97
N VAL A 490 25.21 -14.36 40.65
CA VAL A 490 25.46 -13.63 41.89
C VAL A 490 24.65 -14.17 43.07
N VAL A 491 23.32 -14.06 42.99
CA VAL A 491 22.46 -14.47 44.11
C VAL A 491 22.66 -15.95 44.44
N LYS A 492 22.47 -16.82 43.46
CA LYS A 492 22.54 -18.26 43.73
C LYS A 492 23.97 -18.76 43.84
N LEU A 493 24.89 -17.87 44.22
CA LEU A 493 26.28 -18.22 44.48
C LEU A 493 26.83 -17.50 45.70
N ASN A 494 25.99 -16.82 46.48
CA ASN A 494 26.43 -16.11 47.67
C ASN A 494 25.36 -16.22 48.76
N LYS A 495 25.72 -15.77 49.95
CA LYS A 495 24.77 -15.58 51.04
C LYS A 495 24.88 -14.14 51.48
N PHE A 496 23.76 -13.57 51.93
CA PHE A 496 23.67 -12.11 51.98
C PHE A 496 23.41 -11.55 53.37
N SER A 497 24.00 -10.39 53.61
CA SER A 497 23.76 -9.60 54.79
C SER A 497 22.36 -8.98 54.72
N GLU A 498 22.04 -8.22 55.76
CA GLU A 498 20.85 -7.38 55.75
C GLU A 498 20.98 -6.32 54.66
N ASN A 499 22.08 -5.60 54.71
CA ASN A 499 22.25 -4.54 53.74
C ASN A 499 22.97 -5.04 52.49
N GLY A 500 23.62 -6.20 52.55
CA GLY A 500 24.14 -6.79 51.33
C GLY A 500 23.01 -7.07 50.37
N LEU A 501 21.90 -7.54 50.91
CA LEU A 501 20.74 -7.82 50.09
C LEU A 501 20.11 -6.52 49.66
N ARG A 502 20.05 -5.54 50.56
CA ARG A 502 19.48 -4.25 50.14
C ARG A 502 20.34 -3.64 49.02
N GLN A 503 21.66 -3.78 49.11
CA GLN A 503 22.58 -3.30 48.09
C GLN A 503 22.34 -4.00 46.76
N LEU A 504 22.13 -5.32 46.80
CA LEU A 504 21.90 -6.06 45.56
C LEU A 504 20.59 -5.62 44.92
N THR A 505 19.55 -5.44 45.74
CA THR A 505 18.27 -4.98 45.21
C THR A 505 18.42 -3.63 44.52
N PHE A 506 19.13 -2.70 45.18
CA PHE A 506 19.49 -1.43 44.56
C PHE A 506 20.14 -1.64 43.20
N ASP A 507 21.21 -2.44 43.16
CA ASP A 507 21.93 -2.72 41.92
C ASP A 507 20.99 -3.20 40.82
N TYR A 508 20.11 -4.14 41.15
CA TYR A 508 19.17 -4.67 40.17
C TYR A 508 18.29 -3.57 39.63
N GLU A 509 17.73 -2.74 40.52
CA GLU A 509 16.81 -1.72 40.06
C GLU A 509 17.52 -0.66 39.23
N ALA A 510 18.82 -0.48 39.47
CA ALA A 510 19.62 0.43 38.64
C ALA A 510 19.79 -0.14 37.23
N LEU A 511 20.03 -1.45 37.13
CA LEU A 511 20.19 -2.04 35.81
C LEU A 511 18.85 -2.04 35.08
N ARG A 512 17.76 -2.37 35.77
CA ARG A 512 16.44 -2.28 35.14
C ARG A 512 16.19 -0.85 34.68
N ALA A 513 16.64 0.13 35.47
CA ALA A 513 16.43 1.54 35.17
C ALA A 513 17.12 1.94 33.87
N THR A 514 18.26 1.33 33.57
CA THR A 514 18.99 1.76 32.37
C THR A 514 18.27 1.37 31.08
N LEU A 515 17.45 0.32 31.12
CA LEU A 515 16.74 -0.11 29.92
C LEU A 515 15.67 0.88 29.47
N GLY A 516 15.25 1.78 30.36
CA GLY A 516 14.18 2.72 30.04
C GLY A 516 12.96 1.99 29.56
N LEU A 517 12.62 0.91 30.25
CA LEU A 517 11.51 0.04 29.91
C LEU A 517 10.20 0.83 29.87
N PRO A 518 9.26 0.44 29.02
CA PRO A 518 7.99 1.17 28.99
C PRO A 518 7.33 0.82 30.32
N LEU A 519 7.39 1.75 31.26
CA LEU A 519 6.98 1.47 32.63
C LEU A 519 5.84 2.38 33.08
N GLU A 520 5.38 2.06 34.28
CA GLU A 520 4.17 2.47 34.99
C GLU A 520 3.12 1.43 34.65
N HIS A 521 3.48 0.41 33.87
CA HIS A 521 2.61 -0.69 33.50
C HIS A 521 2.85 -1.85 34.47
N SER A 522 2.41 -3.05 34.09
CA SER A 522 2.51 -4.24 34.92
C SER A 522 3.93 -4.79 34.86
N SER A 523 4.21 -5.79 35.68
CA SER A 523 5.54 -6.40 35.72
C SER A 523 5.53 -7.81 35.14
N VAL A 524 6.65 -8.19 34.55
CA VAL A 524 6.84 -9.54 34.03
C VAL A 524 6.79 -10.57 35.14
N ALA A 525 6.30 -11.77 34.80
CA ALA A 525 6.28 -12.89 35.76
C ALA A 525 7.67 -13.19 36.29
N GLU A 526 8.69 -13.10 35.43
CA GLU A 526 10.05 -13.39 35.86
C GLU A 526 10.53 -12.42 36.93
N GLU A 527 10.07 -11.17 36.86
CA GLU A 527 10.51 -10.19 37.84
C GLU A 527 9.71 -10.34 39.13
N LEU A 528 8.43 -10.68 39.01
CA LEU A 528 7.66 -10.99 40.21
C LEU A 528 8.32 -12.13 40.95
N ALA A 529 8.74 -13.17 40.22
CA ALA A 529 9.45 -14.29 40.84
C ALA A 529 10.72 -13.78 41.51
N LEU A 530 11.47 -12.90 40.83
CA LEU A 530 12.71 -12.39 41.39
C LEU A 530 12.46 -11.74 42.75
N PHE A 531 11.39 -10.94 42.85
CA PHE A 531 11.15 -10.23 44.10
C PHE A 531 10.49 -11.12 45.15
N GLU A 532 9.83 -12.21 44.73
CA GLU A 532 9.38 -13.20 45.69
C GLU A 532 10.56 -13.91 46.32
N TYR A 533 11.55 -14.26 45.49
CA TYR A 533 12.75 -14.90 46.00
C TYR A 533 13.50 -13.96 46.93
N PHE A 534 13.54 -12.66 46.58
CA PHE A 534 14.14 -11.69 47.48
C PHE A 534 13.38 -11.63 48.79
N ASN A 535 12.05 -11.64 48.71
CA ASN A 535 11.20 -11.53 49.88
C ASN A 535 11.49 -12.66 50.86
N ILE A 536 11.58 -13.90 50.33
CA ILE A 536 11.96 -15.03 51.18
C ILE A 536 13.34 -14.80 51.78
N LEU A 537 14.34 -14.53 50.92
CA LEU A 537 15.69 -14.20 51.34
C LEU A 537 15.73 -13.21 52.50
N SER A 538 14.76 -12.31 52.55
CA SER A 538 14.74 -11.21 53.51
C SER A 538 14.13 -11.58 54.85
N MET A 539 13.73 -12.84 55.05
CA MET A 539 13.25 -13.29 56.35
C MET A 539 14.39 -13.60 57.30
N LYS A 540 15.62 -13.60 56.82
CA LYS A 540 16.81 -13.86 57.62
C LYS A 540 17.08 -12.72 58.59
N TYR A 541 16.30 -11.63 58.51
CA TYR A 541 16.58 -10.42 59.24
C TYR A 541 15.42 -9.94 60.10
N THR A 542 14.23 -10.53 59.96
CA THR A 542 13.09 -10.22 60.82
C THR A 542 12.76 -11.46 61.64
N ASN A 543 12.79 -11.31 62.97
CA ASN A 543 12.62 -12.45 63.87
C ASN A 543 11.16 -12.67 64.23
N ASN A 544 10.31 -12.77 63.22
CA ASN A 544 8.89 -13.00 63.42
C ASN A 544 8.63 -14.42 63.94
N LYS A 545 7.42 -14.62 64.44
CA LYS A 545 7.02 -15.92 64.96
C LYS A 545 6.84 -16.93 63.84
N ILE A 546 6.23 -16.51 62.73
CA ILE A 546 5.94 -17.38 61.60
C ILE A 546 7.10 -17.37 60.61
N THR A 547 8.29 -16.94 61.07
CA THR A 547 9.48 -16.95 60.23
C THR A 547 10.58 -17.82 60.81
N SER A 548 10.60 -18.03 62.13
CA SER A 548 11.53 -18.99 62.70
C SER A 548 11.10 -20.40 62.33
N LYS A 549 9.78 -20.61 62.22
CA LYS A 549 9.23 -21.89 61.82
C LYS A 549 9.65 -22.24 60.40
N PHE A 550 9.61 -21.27 59.49
CA PHE A 550 9.88 -21.51 58.08
C PHE A 550 11.37 -21.61 57.80
N LEU A 551 12.21 -20.85 58.52
CA LEU A 551 13.64 -20.83 58.27
C LEU A 551 14.35 -21.99 58.96
N ASP A 552 13.82 -23.20 58.81
CA ASP A 552 14.41 -24.40 59.36
C ASP A 552 14.78 -25.34 58.22
N ALA A 553 16.02 -25.84 58.26
CA ALA A 553 16.49 -26.72 57.20
C ALA A 553 15.66 -28.01 57.14
N GLU A 554 15.06 -28.39 58.26
CA GLU A 554 14.25 -29.60 58.31
C GLU A 554 12.81 -29.33 57.89
N TYR A 555 12.35 -28.10 58.07
CA TYR A 555 11.04 -27.73 57.55
C TYR A 555 11.04 -27.82 56.04
N VAL A 556 12.18 -27.50 55.42
CA VAL A 556 12.27 -27.50 53.97
C VAL A 556 12.08 -28.91 53.45
N SER A 557 12.80 -29.88 54.03
CA SER A 557 12.67 -31.26 53.58
C SER A 557 11.29 -31.80 53.91
N SER A 558 10.75 -31.45 55.07
CA SER A 558 9.50 -32.05 55.51
C SER A 558 8.30 -31.47 54.78
N HIS A 559 8.46 -30.33 54.11
CA HIS A 559 7.34 -29.66 53.47
C HIS A 559 7.52 -29.52 51.96
N HIS A 560 8.70 -29.83 51.43
CA HIS A 560 9.00 -29.68 50.00
C HIS A 560 8.01 -30.46 49.13
N THR A 561 7.51 -31.58 49.62
CA THR A 561 6.62 -32.42 48.81
C THR A 561 5.17 -31.95 48.86
N ARG A 562 4.83 -31.07 49.81
CA ARG A 562 3.53 -30.44 49.85
C ARG A 562 3.46 -29.24 48.92
N ASN A 563 4.56 -28.93 48.23
CA ASN A 563 4.74 -27.68 47.51
C ASN A 563 4.57 -26.49 48.46
N PHE A 564 4.96 -26.70 49.72
CA PHE A 564 4.88 -25.70 50.79
C PHE A 564 3.49 -25.09 50.88
N ARG A 565 2.49 -25.95 51.15
CA ARG A 565 1.12 -25.46 51.25
C ARG A 565 0.99 -24.37 52.31
N GLU A 566 1.72 -24.50 53.42
CA GLU A 566 1.71 -23.47 54.46
C GLU A 566 2.35 -22.18 53.97
N LEU A 567 3.61 -22.26 53.55
CA LEU A 567 4.37 -21.06 53.19
C LEU A 567 3.72 -20.29 52.05
N ARG A 568 3.20 -20.97 51.04
CA ARG A 568 2.62 -20.28 49.89
C ARG A 568 1.54 -19.30 50.36
N GLU A 569 0.57 -19.81 51.13
CA GLU A 569 -0.49 -18.97 51.66
C GLU A 569 0.03 -17.90 52.60
N SER A 570 1.01 -18.24 53.46
CA SER A 570 1.51 -17.26 54.41
C SER A 570 2.28 -16.11 53.76
N LEU A 571 3.04 -16.36 52.70
CA LEU A 571 3.94 -15.33 52.19
C LEU A 571 3.65 -14.84 50.78
N GLN A 572 2.50 -15.21 50.20
CA GLN A 572 2.16 -14.84 48.83
C GLN A 572 3.33 -15.07 47.87
N VAL A 573 3.87 -16.29 47.90
CA VAL A 573 4.86 -16.74 46.91
C VAL A 573 4.12 -17.63 45.92
N SER A 574 3.72 -17.07 44.79
CA SER A 574 2.86 -17.76 43.84
C SER A 574 3.48 -17.85 42.44
N HIS A 575 4.74 -17.47 42.30
CA HIS A 575 5.44 -17.55 41.02
C HIS A 575 6.71 -18.38 41.09
N LEU A 576 7.13 -18.76 42.30
CA LEU A 576 8.28 -19.63 42.49
C LEU A 576 7.87 -21.09 42.52
N THR A 577 8.78 -21.96 42.10
CA THR A 577 8.55 -23.39 42.13
C THR A 577 8.96 -23.95 43.50
N SER A 578 8.56 -25.19 43.76
CA SER A 578 8.92 -25.85 45.00
C SER A 578 10.43 -25.82 45.21
N ASP A 579 11.19 -26.25 44.20
CA ASP A 579 12.64 -26.26 44.27
C ASP A 579 13.18 -24.87 44.55
N GLU A 580 12.50 -23.84 44.02
CA GLU A 580 13.00 -22.48 44.11
C GLU A 580 12.83 -21.96 45.54
N ILE A 581 11.62 -22.13 46.09
CA ILE A 581 11.35 -21.77 47.48
C ILE A 581 12.35 -22.48 48.38
N ALA A 582 12.60 -23.77 48.10
CA ALA A 582 13.56 -24.53 48.87
C ALA A 582 14.94 -23.87 48.85
N ASP A 583 15.43 -23.55 47.66
CA ASP A 583 16.77 -22.95 47.55
C ASP A 583 16.84 -21.62 48.29
N ALA A 584 15.77 -20.82 48.23
CA ALA A 584 15.75 -19.54 48.95
C ALA A 584 15.87 -19.78 50.46
N LEU A 585 14.93 -20.57 51.02
CA LEU A 585 14.98 -20.89 52.43
C LEU A 585 16.35 -21.39 52.83
N TYR A 586 16.89 -22.36 52.08
CA TYR A 586 18.21 -22.90 52.38
C TYR A 586 19.26 -21.79 52.35
N ARG A 587 19.01 -20.73 51.57
CA ARG A 587 20.00 -19.67 51.41
C ARG A 587 19.96 -18.72 52.58
N THR A 588 18.86 -18.73 53.34
CA THR A 588 18.82 -17.87 54.52
C THR A 588 19.73 -18.40 55.63
N LEU A 589 20.06 -19.69 55.62
CA LEU A 589 20.81 -20.32 56.70
C LEU A 589 22.31 -20.20 56.47
N SER B 3 -6.11 5.26 27.68
CA SER B 3 -5.22 6.02 28.55
C SER B 3 -3.85 5.36 28.66
N MET B 4 -3.49 4.91 29.86
CA MET B 4 -2.23 4.20 30.08
C MET B 4 -2.32 2.72 29.71
N PRO B 5 -3.28 1.95 30.25
CA PRO B 5 -3.29 0.50 29.95
C PRO B 5 -3.46 0.20 28.48
N TYR B 6 -2.75 -0.83 28.02
CA TYR B 6 -2.84 -1.25 26.63
C TYR B 6 -4.26 -1.65 26.25
N ALA B 7 -4.97 -2.35 27.15
CA ALA B 7 -6.27 -2.87 26.78
C ALA B 7 -7.33 -1.78 26.68
N THR B 8 -7.10 -0.63 27.31
CA THR B 8 -8.06 0.45 27.19
C THR B 8 -7.64 1.39 26.07
N GLN B 9 -6.35 1.41 25.76
CA GLN B 9 -5.90 2.13 24.58
C GLN B 9 -6.50 1.48 23.35
N LEU B 10 -6.38 0.14 23.27
CA LEU B 10 -6.96 -0.60 22.15
C LEU B 10 -8.48 -0.45 22.15
N ALA B 11 -9.11 -0.47 23.34
CA ALA B 11 -10.56 -0.33 23.42
C ALA B 11 -11.01 0.98 22.77
N LEU B 12 -10.42 2.10 23.18
CA LEU B 12 -10.76 3.39 22.60
C LEU B 12 -10.40 3.46 21.11
N LEU B 13 -9.17 3.08 20.77
CA LEU B 13 -8.71 3.17 19.39
C LEU B 13 -9.61 2.39 18.44
N GLN B 14 -10.28 1.34 18.93
CA GLN B 14 -11.21 0.61 18.07
C GLN B 14 -12.40 1.48 17.73
N ASP B 15 -12.96 2.15 18.73
CA ASP B 15 -14.09 3.05 18.52
C ASP B 15 -13.69 4.12 17.52
N GLU B 16 -12.58 4.80 17.79
CA GLU B 16 -12.07 5.84 16.90
C GLU B 16 -11.98 5.35 15.46
N LEU B 17 -11.28 4.21 15.25
CA LEU B 17 -11.15 3.63 13.91
C LEU B 17 -12.50 3.34 13.26
N LEU B 18 -13.50 2.98 14.05
CA LEU B 18 -14.81 2.69 13.46
C LEU B 18 -15.51 3.99 13.08
N ASP B 19 -15.34 5.04 13.88
CA ASP B 19 -15.96 6.32 13.59
C ASP B 19 -15.35 6.96 12.33
N MET B 20 -14.04 6.77 12.10
CA MET B 20 -13.43 7.38 10.91
C MET B 20 -14.13 6.94 9.63
N LEU B 21 -14.71 5.73 9.63
CA LEU B 21 -15.36 5.18 8.45
C LEU B 21 -16.63 5.94 8.07
N GLU B 22 -17.28 6.62 9.02
CA GLU B 22 -18.50 7.37 8.76
C GLU B 22 -18.33 8.79 9.28
N PRO B 23 -17.64 9.64 8.51
CA PRO B 23 -17.41 11.02 8.95
C PRO B 23 -18.64 11.90 8.73
N ARG B 24 -19.04 12.62 9.79
CA ARG B 24 -20.16 13.53 9.74
C ARG B 24 -19.71 14.92 9.29
N ASP B 25 -18.58 14.94 8.59
CA ASP B 25 -17.72 16.10 8.36
C ASP B 25 -18.10 16.89 7.13
N GLY B 26 -18.16 16.21 5.98
CA GLY B 26 -18.23 16.83 4.68
C GLY B 26 -16.97 16.56 3.88
N GLU B 27 -15.83 16.46 4.55
CA GLU B 27 -14.50 16.36 3.96
C GLU B 27 -14.09 14.92 3.68
N GLY B 28 -15.00 13.96 3.84
CA GLY B 28 -14.71 12.58 3.57
C GLY B 28 -13.80 11.92 4.60
N LEU B 29 -13.19 10.82 4.17
CA LEU B 29 -12.32 10.02 5.03
C LEU B 29 -10.99 10.74 5.26
N ARG B 30 -10.51 10.66 6.51
CA ARG B 30 -9.16 11.13 6.84
C ARG B 30 -8.21 9.94 6.74
N THR B 31 -8.04 9.45 5.51
CA THR B 31 -7.42 8.15 5.25
C THR B 31 -6.02 8.05 5.83
N ALA B 32 -5.22 9.12 5.73
CA ALA B 32 -3.88 9.09 6.30
C ALA B 32 -3.92 8.89 7.80
N ASP B 33 -4.84 9.57 8.49
CA ASP B 33 -5.00 9.36 9.92
C ASP B 33 -5.50 7.94 10.22
N ILE B 34 -6.32 7.37 9.34
CA ILE B 34 -6.82 6.02 9.56
C ILE B 34 -5.68 5.02 9.45
N ILE B 35 -4.89 5.12 8.40
CA ILE B 35 -3.72 4.25 8.23
C ILE B 35 -2.78 4.38 9.43
N ASP B 36 -2.58 5.62 9.91
CA ASP B 36 -1.70 5.81 11.07
C ASP B 36 -2.29 5.12 12.30
N LYS B 37 -3.62 5.15 12.41
CA LYS B 37 -4.25 4.53 13.57
C LYS B 37 -4.14 3.02 13.50
N THR B 38 -4.41 2.44 12.33
CA THR B 38 -4.32 0.98 12.20
C THR B 38 -2.90 0.49 12.47
N LEU B 39 -1.89 1.23 11.99
CA LEU B 39 -0.51 0.93 12.36
C LEU B 39 -0.30 0.96 13.88
N ARG B 40 -0.83 1.99 14.54
CA ARG B 40 -0.70 2.05 15.99
C ARG B 40 -1.47 0.93 16.67
N PHE B 41 -2.61 0.55 16.09
CA PHE B 41 -3.42 -0.54 16.64
C PHE B 41 -2.62 -1.84 16.60
N ARG B 42 -1.99 -2.11 15.45
CA ARG B 42 -1.13 -3.29 15.31
C ARG B 42 -0.03 -3.28 16.38
N GLU B 43 0.70 -2.16 16.48
CA GLU B 43 1.73 -2.04 17.52
C GLU B 43 1.18 -2.32 18.92
N LEU B 44 0.08 -1.67 19.28
CA LEU B 44 -0.48 -1.84 20.62
C LEU B 44 -0.94 -3.27 20.83
N LEU B 45 -1.53 -3.89 19.80
CA LEU B 45 -1.88 -5.30 19.84
C LEU B 45 -0.65 -6.11 20.25
N GLY B 46 0.44 -5.95 19.50
CA GLY B 46 1.67 -6.66 19.82
C GLY B 46 2.10 -6.45 21.26
N CYS B 47 1.90 -5.23 21.79
CA CYS B 47 2.26 -4.95 23.17
C CYS B 47 1.36 -5.70 24.16
N TYR B 48 0.05 -5.69 23.91
CA TYR B 48 -0.88 -6.45 24.74
C TYR B 48 -0.58 -7.95 24.68
N ARG B 49 -0.28 -8.46 23.49
CA ARG B 49 0.11 -9.85 23.32
C ARG B 49 1.33 -10.17 24.17
N LEU B 50 2.37 -9.35 24.07
CA LEU B 50 3.58 -9.58 24.86
C LEU B 50 3.26 -9.52 26.35
N GLN B 51 2.40 -8.57 26.76
CA GLN B 51 2.08 -8.42 28.17
C GLN B 51 1.40 -9.66 28.71
N VAL B 52 0.44 -10.19 27.95
CA VAL B 52 -0.26 -11.40 28.36
C VAL B 52 0.72 -12.58 28.42
N GLU B 53 1.46 -12.79 27.33
CA GLU B 53 2.46 -13.86 27.27
C GLU B 53 3.40 -13.84 28.46
N LYS B 54 4.01 -12.69 28.75
CA LYS B 54 5.01 -12.59 29.80
C LYS B 54 4.42 -12.48 31.21
N SER B 55 3.17 -12.90 31.40
CA SER B 55 2.53 -12.85 32.72
C SER B 55 2.62 -14.19 33.44
N THR B 56 2.98 -15.25 32.72
CA THR B 56 3.23 -16.56 33.30
C THR B 56 4.60 -17.03 32.82
N ARG B 57 5.39 -17.59 33.73
CA ARG B 57 6.75 -17.98 33.40
C ARG B 57 6.75 -19.22 32.50
N GLN B 58 7.95 -19.54 31.99
CA GLN B 58 8.15 -20.75 31.21
C GLN B 58 8.95 -21.78 32.00
N ALA B 78 -6.22 -21.25 32.50
CA ALA B 78 -5.58 -20.18 33.25
C ALA B 78 -6.58 -19.08 33.59
N SER B 79 -6.17 -18.14 34.43
CA SER B 79 -7.00 -16.99 34.77
C SER B 79 -6.70 -15.80 33.88
N GLN B 80 -5.94 -16.01 32.80
CA GLN B 80 -5.62 -15.01 31.79
C GLN B 80 -6.42 -15.26 30.52
N ALA B 81 -7.60 -15.87 30.66
CA ALA B 81 -8.51 -16.21 29.56
C ALA B 81 -9.22 -15.00 28.98
N PRO B 82 -9.77 -14.08 29.79
CA PRO B 82 -10.44 -12.92 29.17
C PRO B 82 -9.48 -12.08 28.37
N ALA B 83 -8.23 -11.95 28.82
CA ALA B 83 -7.26 -11.18 28.07
C ALA B 83 -6.94 -11.84 26.73
N LEU B 84 -6.92 -13.18 26.72
CA LEU B 84 -6.65 -13.88 25.47
C LEU B 84 -7.83 -13.76 24.53
N ALA B 85 -9.04 -13.79 25.07
CA ALA B 85 -10.24 -13.64 24.25
C ALA B 85 -10.26 -12.27 23.60
N GLN B 86 -10.12 -11.21 24.43
CA GLN B 86 -10.09 -9.86 23.90
C GLN B 86 -8.98 -9.70 22.87
N LEU B 87 -7.84 -10.36 23.08
CA LEU B 87 -6.74 -10.30 22.12
C LEU B 87 -7.13 -10.93 20.79
N LEU B 88 -7.77 -12.09 20.84
CA LEU B 88 -8.14 -12.78 19.61
C LEU B 88 -9.15 -11.94 18.84
N LEU B 89 -10.19 -11.48 19.54
CA LEU B 89 -11.23 -10.72 18.86
C LEU B 89 -10.69 -9.41 18.31
N TRP B 90 -9.65 -8.85 18.94
CA TRP B 90 -9.04 -7.62 18.43
C TRP B 90 -8.19 -7.89 17.19
N GLU B 91 -7.48 -9.02 17.16
CA GLU B 91 -6.72 -9.36 15.97
C GLU B 91 -7.65 -9.62 14.79
N ARG B 92 -8.79 -10.26 15.06
CA ARG B 92 -9.78 -10.47 14.02
C ARG B 92 -10.37 -9.13 13.58
N PHE B 93 -10.59 -8.23 14.54
CA PHE B 93 -11.10 -6.91 14.22
C PHE B 93 -10.17 -6.18 13.26
N LEU B 94 -8.88 -6.12 13.57
CA LEU B 94 -7.95 -5.40 12.70
C LEU B 94 -7.93 -6.02 11.31
N ALA B 95 -8.01 -7.35 11.24
CA ALA B 95 -7.97 -8.02 9.94
C ALA B 95 -9.19 -7.67 9.12
N ASP B 96 -10.38 -7.64 9.74
CA ASP B 96 -11.57 -7.27 8.99
C ASP B 96 -11.61 -5.77 8.72
N TYR B 97 -11.07 -4.97 9.63
CA TYR B 97 -11.15 -3.51 9.50
C TYR B 97 -10.39 -3.05 8.27
N ARG B 98 -9.31 -3.74 7.91
CA ARG B 98 -8.61 -3.31 6.70
C ARG B 98 -9.48 -3.52 5.46
N ARG B 99 -10.27 -4.60 5.45
CA ARG B 99 -11.18 -4.85 4.34
C ARG B 99 -12.28 -3.79 4.29
N ARG B 100 -12.82 -3.45 5.47
CA ARG B 100 -13.84 -2.41 5.56
C ARG B 100 -13.29 -1.08 5.06
N LEU B 101 -12.06 -0.75 5.47
CA LEU B 101 -11.45 0.51 5.08
C LEU B 101 -11.24 0.56 3.57
N ASP B 102 -10.60 -0.47 3.00
CA ASP B 102 -10.34 -0.46 1.56
C ASP B 102 -11.65 -0.36 0.77
N ALA B 103 -12.70 -1.03 1.25
CA ALA B 103 -14.01 -0.90 0.61
C ALA B 103 -14.49 0.55 0.65
N ALA B 104 -14.53 1.13 1.85
CA ALA B 104 -14.93 2.53 2.00
C ALA B 104 -14.13 3.45 1.09
N ILE B 105 -12.81 3.22 0.99
CA ILE B 105 -11.95 4.04 0.15
C ILE B 105 -12.37 3.94 -1.31
N VAL B 106 -12.74 2.74 -1.76
CA VAL B 106 -13.20 2.61 -3.14
C VAL B 106 -14.52 3.35 -3.33
N HIS B 107 -15.49 3.05 -2.45
CA HIS B 107 -16.80 3.67 -2.51
C HIS B 107 -16.73 5.20 -2.56
N GLU B 108 -15.85 5.79 -1.74
CA GLU B 108 -15.70 7.24 -1.68
C GLU B 108 -15.21 7.87 -2.98
N HIS B 109 -14.38 7.16 -3.75
CA HIS B 109 -14.02 7.71 -5.06
C HIS B 109 -15.03 7.37 -6.14
N GLU B 110 -15.76 6.26 -6.00
CA GLU B 110 -16.83 5.99 -6.95
C GLU B 110 -17.93 7.04 -6.82
N ALA B 111 -18.27 7.40 -5.58
CA ALA B 111 -19.32 8.39 -5.34
C ALA B 111 -18.92 9.76 -5.87
N THR B 112 -17.64 10.11 -5.75
CA THR B 112 -17.16 11.43 -6.18
C THR B 112 -16.70 11.42 -7.63
N ALA B 113 -17.27 10.54 -8.44
CA ALA B 113 -17.04 10.50 -9.88
C ALA B 113 -18.39 10.58 -10.58
N ALA B 114 -19.42 10.03 -9.95
CA ALA B 114 -20.79 10.06 -10.44
C ALA B 114 -21.56 11.24 -9.86
N ARG B 115 -20.89 12.37 -9.65
CA ARG B 115 -21.52 13.55 -9.09
C ARG B 115 -21.03 14.81 -9.81
#